data_8EM1
#
_entry.id   8EM1
#
_cell.length_a   136.620
_cell.length_b   136.620
_cell.length_c   106.418
_cell.angle_alpha   90.000
_cell.angle_beta   90.000
_cell.angle_gamma   90.000
#
_symmetry.space_group_name_H-M   'P 43 21 2'
#
loop_
_entity.id
_entity.type
_entity.pdbx_description
1 polymer 'PaqCI, DNA Unbound'
2 non-polymer 1,2-ETHANEDIOL
3 water water
#
_entity_poly.entity_id   1
_entity_poly.type   'polypeptide(L)'
_entity_poly.pdbx_seq_one_letter_code
;MPYDHNAEADFAASEVARMLVADPGLCYDAASLPASISASASYEPSAAGWPKADGLVSVLEGGTSTQRAIALEYKRPQEG
IHGLLTAIGQAHGYLHKGYSGAAIVIPGRYSSHPTPAEYVRDVLNAISGSRAIAVFSYSPPDTTSPTPFAGRIQCVRPLV
FDAGRVHLRPANQGPKTQWVHMREGSTTRDAFFRFLQVAKRLSADPTAPRPTLRSELVAAIGRLAPGRDPIEYITNTADN
KFLTKVWQFFWLEWLATPAVLTPWKLEAGVYSAPGARTRILREDGTDFSQLWEGRVNSLKETIAGMLNRGEISEAQGWEA
FVGGISATGGGQDKQGVRARAHSYREDIDSALAQLRWIEDDGLPTDQGYRFMTICERYGGANSRAAIDYMGATLIQTGRY
ASFLHYINRLSERKFAENPLAYTKPGPGGMPVFTEESYWEYLQDLETKLTDELRVMRKVSGRARPRVRTTFQVELTLLRN
YGFVSSTRHRLGVGIPIDWEQVVQALNVDL
;
_entity_poly.pdbx_strand_id   A,B
#
loop_
_chem_comp.id
_chem_comp.type
_chem_comp.name
_chem_comp.formula
EDO non-polymer 1,2-ETHANEDIOL 'C2 H6 O2'
#
# COMPACT_ATOMS: atom_id res chain seq x y z
N PRO A 2 18.08 6.51 7.18
CA PRO A 2 17.46 7.33 6.14
C PRO A 2 16.89 8.63 6.71
N TYR A 3 16.37 9.47 5.84
CA TYR A 3 15.73 10.68 6.29
C TYR A 3 14.20 10.48 6.30
N ASP A 4 13.47 11.57 6.36
CA ASP A 4 12.01 11.54 6.34
C ASP A 4 11.48 11.22 4.94
N HIS A 5 10.36 10.48 4.86
CA HIS A 5 9.81 10.13 3.54
C HIS A 5 9.35 11.39 2.81
N ASN A 6 8.67 12.29 3.52
CA ASN A 6 8.22 13.55 2.91
C ASN A 6 9.41 14.42 2.47
N ALA A 7 10.45 14.50 3.30
CA ALA A 7 11.62 15.30 2.92
C ALA A 7 12.26 14.76 1.64
N GLU A 8 12.37 13.43 1.52
CA GLU A 8 12.96 12.87 0.31
C GLU A 8 12.08 13.19 -0.91
N ALA A 9 10.76 13.17 -0.73
CA ALA A 9 9.84 13.59 -1.79
C ALA A 9 10.05 15.05 -2.17
N ASP A 10 10.27 15.91 -1.18
CA ASP A 10 10.53 17.32 -1.49
C ASP A 10 11.85 17.48 -2.26
N PHE A 11 12.89 16.74 -1.87
CA PHE A 11 14.15 16.81 -2.58
C PHE A 11 13.97 16.39 -4.03
N ALA A 12 13.12 15.38 -4.26
CA ALA A 12 12.87 14.92 -5.64
C ALA A 12 12.02 15.92 -6.42
N ALA A 13 11.05 16.56 -5.77
CA ALA A 13 10.23 17.55 -6.49
C ALA A 13 11.07 18.74 -6.93
N SER A 14 11.96 19.21 -6.06
CA SER A 14 12.86 20.29 -6.44
C SER A 14 13.72 19.89 -7.62
N GLU A 15 14.30 18.70 -7.58
CA GLU A 15 15.13 18.27 -8.69
C GLU A 15 14.30 18.11 -9.96
N VAL A 16 13.04 17.66 -9.84
CA VAL A 16 12.19 17.55 -11.04
C VAL A 16 11.95 18.94 -11.62
N ALA A 17 11.63 19.91 -10.77
CA ALA A 17 11.40 21.28 -11.24
C ALA A 17 12.62 21.84 -11.96
N ARG A 18 13.83 21.55 -11.45
CA ARG A 18 15.03 22.01 -12.14
C ARG A 18 15.19 21.30 -13.47
N MET A 19 14.84 20.00 -13.52
CA MET A 19 14.97 19.24 -14.76
C MET A 19 14.06 19.76 -15.86
N LEU A 20 12.87 20.22 -15.49
CA LEU A 20 11.95 20.79 -16.47
C LEU A 20 12.48 22.12 -17.01
N VAL A 21 13.14 22.90 -16.16
CA VAL A 21 13.71 24.16 -16.63
C VAL A 21 14.89 23.89 -17.56
N ALA A 22 15.72 22.91 -17.22
CA ALA A 22 16.86 22.53 -18.07
C ALA A 22 16.41 21.87 -19.36
N ASP A 23 15.29 21.16 -19.34
CA ASP A 23 14.77 20.49 -20.53
C ASP A 23 13.24 20.55 -20.48
N PRO A 24 12.64 21.59 -21.07
CA PRO A 24 11.16 21.65 -21.12
C PRO A 24 10.53 20.56 -21.99
N GLY A 25 11.31 19.93 -22.87
CA GLY A 25 10.81 18.80 -23.64
C GLY A 25 10.44 17.61 -22.80
N LEU A 26 10.75 17.64 -21.50
CA LEU A 26 10.34 16.57 -20.61
C LEU A 26 8.82 16.57 -20.42
N CYS A 27 8.18 17.74 -20.52
CA CYS A 27 6.73 17.82 -20.39
C CYS A 27 6.02 18.45 -21.58
N TYR A 28 6.73 18.86 -22.62
CA TYR A 28 6.09 19.49 -23.78
C TYR A 28 6.44 18.75 -25.05
N ASP A 29 5.44 18.56 -25.91
CA ASP A 29 5.69 18.03 -27.24
C ASP A 29 6.53 19.02 -28.03
N ALA A 30 7.16 18.54 -29.11
CA ALA A 30 8.03 19.39 -29.91
C ALA A 30 7.33 20.64 -30.39
N ALA A 31 6.08 20.51 -30.88
CA ALA A 31 5.28 21.67 -31.28
C ALA A 31 4.82 22.52 -30.10
N SER A 32 4.79 21.97 -28.88
CA SER A 32 4.30 22.71 -27.72
C SER A 32 5.42 23.42 -26.95
N LEU A 33 6.55 23.70 -27.59
CA LEU A 33 7.63 24.39 -26.89
C LEU A 33 7.22 25.83 -26.55
N PRO A 34 7.34 26.23 -25.29
CA PRO A 34 6.93 27.58 -24.87
C PRO A 34 8.07 28.58 -24.97
N ALA A 35 7.70 29.86 -24.87
CA ALA A 35 8.68 30.93 -24.99
C ALA A 35 9.74 30.83 -23.89
N SER A 36 9.30 30.83 -22.64
CA SER A 36 10.21 30.70 -21.52
C SER A 36 9.45 29.99 -20.42
N ILE A 37 10.05 28.96 -19.82
CA ILE A 37 9.38 28.18 -18.78
C ILE A 37 10.22 28.18 -17.51
N SER A 38 9.56 28.45 -16.38
CA SER A 38 10.12 28.30 -15.04
C SER A 38 9.22 27.35 -14.25
N ALA A 39 9.83 26.61 -13.33
CA ALA A 39 9.10 25.64 -12.54
C ALA A 39 9.54 25.72 -11.10
N SER A 40 8.60 25.42 -10.18
CA SER A 40 8.89 25.39 -8.75
C SER A 40 8.05 24.31 -8.10
N ALA A 41 8.57 23.78 -7.01
CA ALA A 41 7.90 22.73 -6.27
C ALA A 41 7.19 23.35 -5.08
N SER A 42 6.05 22.78 -4.72
CA SER A 42 5.27 23.26 -3.59
C SER A 42 4.44 22.09 -3.04
N TYR A 43 3.87 22.28 -1.85
CA TYR A 43 2.92 21.27 -1.38
C TYR A 43 1.61 21.41 -2.12
N GLU A 44 0.79 20.39 -2.02
CA GLU A 44 -0.54 20.40 -2.59
C GLU A 44 -1.53 20.94 -1.56
N PRO A 45 -2.39 21.89 -1.92
CA PRO A 45 -3.32 22.46 -0.93
C PRO A 45 -4.31 21.39 -0.46
N SER A 46 -4.67 21.46 0.83
CA SER A 46 -5.62 20.48 1.36
C SER A 46 -6.97 20.57 0.67
N ALA A 47 -7.33 21.76 0.19
CA ALA A 47 -8.60 21.97 -0.49
C ALA A 47 -8.74 21.12 -1.75
N ALA A 48 -7.67 20.48 -2.24
CA ALA A 48 -7.77 19.63 -3.41
C ALA A 48 -8.34 18.27 -3.02
N GLY A 49 -8.50 17.40 -4.02
CA GLY A 49 -9.24 16.16 -3.82
C GLY A 49 -8.70 15.21 -2.75
N TRP A 50 -9.38 14.08 -2.53
CA TRP A 50 -8.85 13.14 -1.55
C TRP A 50 -7.48 12.62 -1.94
N PRO A 51 -7.29 11.97 -3.11
CA PRO A 51 -5.98 11.34 -3.33
C PRO A 51 -4.91 12.41 -3.29
N LYS A 52 -4.18 12.47 -2.18
CA LYS A 52 -3.21 13.52 -1.96
C LYS A 52 -1.89 13.12 -2.60
N ALA A 53 -1.30 14.06 -3.34
CA ALA A 53 0.00 13.86 -3.97
C ALA A 53 1.13 14.11 -2.98
N ASP A 54 2.28 13.50 -3.27
CA ASP A 54 3.49 13.80 -2.50
C ASP A 54 3.97 15.23 -2.76
N GLY A 55 3.67 15.80 -3.93
CA GLY A 55 4.03 17.17 -4.20
C GLY A 55 3.43 17.69 -5.49
N LEU A 56 3.62 18.99 -5.71
CA LEU A 56 3.20 19.68 -6.92
C LEU A 56 4.38 20.40 -7.53
N VAL A 57 4.52 20.30 -8.85
CA VAL A 57 5.47 21.11 -9.60
C VAL A 57 4.66 21.96 -10.58
N SER A 58 4.78 23.29 -10.44
CA SER A 58 4.04 24.24 -11.25
C SER A 58 4.91 24.73 -12.39
N VAL A 59 4.38 24.72 -13.61
CA VAL A 59 5.08 25.22 -14.79
C VAL A 59 4.41 26.51 -15.25
N LEU A 60 5.20 27.59 -15.35
CA LEU A 60 4.78 28.86 -15.92
C LEU A 60 5.51 29.09 -17.24
N GLU A 61 4.79 29.60 -18.23
CA GLU A 61 5.33 29.87 -19.56
C GLU A 61 5.46 31.38 -19.78
N GLY A 62 5.90 31.76 -20.99
CA GLY A 62 5.79 33.14 -21.39
C GLY A 62 4.38 33.70 -21.30
N GLY A 63 3.38 32.82 -21.09
CA GLY A 63 2.05 33.28 -20.80
C GLY A 63 2.01 34.08 -19.51
N THR A 64 0.99 34.93 -19.39
CA THR A 64 0.95 35.85 -18.27
C THR A 64 0.23 35.27 -17.06
N SER A 65 -0.89 34.60 -17.28
CA SER A 65 -1.68 34.05 -16.18
C SER A 65 -1.77 32.52 -16.23
N THR A 66 -0.92 31.85 -16.99
CA THR A 66 -1.09 30.42 -17.15
C THR A 66 -0.07 29.66 -16.30
N GLN A 67 -0.58 28.64 -15.62
CA GLN A 67 0.21 27.72 -14.81
C GLN A 67 -0.24 26.31 -15.17
N ARG A 68 0.71 25.39 -15.28
CA ARG A 68 0.41 23.97 -15.47
C ARG A 68 1.00 23.17 -14.32
N ALA A 69 0.16 22.36 -13.66
CA ALA A 69 0.55 21.65 -12.44
C ALA A 69 0.73 20.16 -12.71
N ILE A 70 1.82 19.61 -12.17
CA ILE A 70 2.15 18.20 -12.28
C ILE A 70 2.09 17.61 -10.87
N ALA A 71 1.26 16.58 -10.70
CA ALA A 71 1.18 15.92 -9.40
C ALA A 71 2.27 14.87 -9.31
N LEU A 72 3.01 14.90 -8.21
CA LEU A 72 4.20 14.08 -8.08
C LEU A 72 3.96 12.98 -7.05
N GLU A 73 4.30 11.74 -7.41
CA GLU A 73 4.29 10.62 -6.48
C GLU A 73 5.70 10.07 -6.37
N TYR A 74 6.16 9.91 -5.14
CA TYR A 74 7.51 9.48 -4.83
C TYR A 74 7.46 8.14 -4.12
N LYS A 75 8.30 7.21 -4.53
CA LYS A 75 8.33 5.89 -3.93
C LYS A 75 9.72 5.63 -3.38
N ARG A 76 9.79 4.97 -2.25
CA ARG A 76 11.02 4.58 -1.60
C ARG A 76 11.22 3.09 -1.70
N PRO A 77 12.46 2.61 -1.63
CA PRO A 77 12.68 1.16 -1.63
C PRO A 77 12.02 0.47 -0.43
N GLN A 78 11.95 1.16 0.72
CA GLN A 78 11.29 0.63 1.91
C GLN A 78 9.83 0.29 1.65
N GLU A 79 9.19 0.97 0.69
CA GLU A 79 7.83 0.63 0.30
C GLU A 79 7.77 -0.64 -0.55
N GLY A 80 8.88 -1.05 -1.17
CA GLY A 80 8.92 -2.29 -1.91
C GLY A 80 8.30 -2.20 -3.30
N ILE A 81 8.41 -3.32 -4.02
CA ILE A 81 7.97 -3.41 -5.40
C ILE A 81 6.48 -3.14 -5.53
N HIS A 82 5.74 -3.31 -4.44
CA HIS A 82 4.32 -3.01 -4.38
C HIS A 82 4.04 -1.52 -4.61
N GLY A 83 4.95 -0.66 -4.18
CA GLY A 83 4.76 0.77 -4.36
C GLY A 83 4.67 1.18 -5.82
N LEU A 84 5.31 0.41 -6.72
CA LEU A 84 5.28 0.74 -8.14
C LEU A 84 3.86 0.68 -8.69
N LEU A 85 3.08 -0.33 -8.28
CA LEU A 85 1.71 -0.43 -8.78
C LEU A 85 0.81 0.59 -8.11
N THR A 86 1.04 0.85 -6.83
CA THR A 86 0.34 1.95 -6.17
C THR A 86 0.53 3.25 -6.94
N ALA A 87 1.77 3.51 -7.38
CA ALA A 87 2.09 4.79 -8.01
C ALA A 87 1.38 4.93 -9.35
N ILE A 88 1.26 3.85 -10.11
CA ILE A 88 0.52 3.91 -11.36
C ILE A 88 -0.93 4.30 -11.08
N GLY A 89 -1.53 3.65 -10.08
CA GLY A 89 -2.89 4.00 -9.69
C GLY A 89 -2.97 5.40 -9.13
N GLN A 90 -2.00 5.79 -8.33
CA GLN A 90 -2.00 7.13 -7.75
C GLN A 90 -1.90 8.19 -8.86
N ALA A 91 -1.08 7.92 -9.87
CA ALA A 91 -0.91 8.88 -10.97
C ALA A 91 -2.22 9.07 -11.74
N HIS A 92 -2.98 7.99 -11.95
CA HIS A 92 -4.29 8.11 -12.60
C HIS A 92 -5.26 8.87 -11.72
N GLY A 93 -5.20 8.63 -10.40
CA GLY A 93 -6.02 9.40 -9.50
C GLY A 93 -5.74 10.88 -9.59
N TYR A 94 -4.47 11.25 -9.77
CA TYR A 94 -4.11 12.67 -9.81
C TYR A 94 -4.63 13.34 -11.08
N LEU A 95 -4.48 12.68 -12.23
CA LEU A 95 -5.05 13.21 -13.46
C LEU A 95 -6.56 13.29 -13.35
N HIS A 96 -7.20 12.30 -12.71
CA HIS A 96 -8.64 12.37 -12.52
C HIS A 96 -9.01 13.56 -11.65
N LYS A 97 -8.16 13.92 -10.70
CA LYS A 97 -8.44 15.06 -9.84
C LYS A 97 -8.43 16.38 -10.63
N GLY A 98 -7.85 16.39 -11.84
CA GLY A 98 -7.79 17.59 -12.66
C GLY A 98 -6.39 18.16 -12.95
N TYR A 99 -5.34 17.46 -12.55
CA TYR A 99 -3.99 17.92 -12.83
C TYR A 99 -3.65 17.68 -14.29
N SER A 100 -2.87 18.59 -14.88
CA SER A 100 -2.47 18.44 -16.29
C SER A 100 -1.48 17.30 -16.50
N GLY A 101 -0.65 17.00 -15.50
CA GLY A 101 0.30 15.92 -15.67
C GLY A 101 0.60 15.31 -14.32
N ALA A 102 1.26 14.16 -14.37
CA ALA A 102 1.68 13.47 -13.17
C ALA A 102 3.06 12.87 -13.40
N ALA A 103 3.86 12.83 -12.34
CA ALA A 103 5.22 12.31 -12.41
C ALA A 103 5.40 11.26 -11.34
N ILE A 104 5.87 10.09 -11.74
CA ILE A 104 6.21 9.02 -10.82
C ILE A 104 7.72 9.04 -10.62
N VAL A 105 8.15 9.16 -9.37
CA VAL A 105 9.56 9.19 -9.05
C VAL A 105 9.83 7.96 -8.19
N ILE A 106 10.60 7.03 -8.74
CA ILE A 106 10.78 5.72 -8.10
C ILE A 106 12.24 5.29 -8.19
N PRO A 107 12.68 4.42 -7.29
CA PRO A 107 14.07 3.98 -7.28
C PRO A 107 14.49 3.26 -8.56
N GLY A 108 15.78 3.40 -8.90
CA GLY A 108 16.32 2.77 -10.08
C GLY A 108 16.39 1.27 -9.97
N ARG A 109 16.55 0.76 -8.76
CA ARG A 109 16.55 -0.67 -8.53
C ARG A 109 15.96 -0.98 -7.16
N TYR A 110 15.45 -2.19 -7.02
CA TYR A 110 15.07 -2.77 -5.75
C TYR A 110 15.83 -4.08 -5.59
N SER A 111 15.83 -4.62 -4.37
CA SER A 111 16.38 -5.96 -4.17
C SER A 111 15.64 -6.98 -5.05
N SER A 112 14.31 -6.90 -5.09
CA SER A 112 13.55 -7.85 -5.89
C SER A 112 13.78 -7.66 -7.38
N HIS A 113 13.70 -6.42 -7.85
CA HIS A 113 13.51 -6.10 -9.25
C HIS A 113 14.63 -5.21 -9.76
N PRO A 114 15.39 -5.62 -10.78
CA PRO A 114 16.46 -4.75 -11.29
C PRO A 114 15.95 -3.54 -12.05
N THR A 115 14.81 -3.63 -12.73
CA THR A 115 14.39 -2.61 -13.71
C THR A 115 13.02 -2.00 -13.42
N PRO A 116 12.84 -1.36 -12.24
CA PRO A 116 11.49 -0.89 -11.85
C PRO A 116 10.87 0.19 -12.71
N ALA A 117 11.62 1.24 -13.06
CA ALA A 117 11.04 2.35 -13.81
C ALA A 117 10.64 1.92 -15.21
N GLU A 118 11.45 1.06 -15.84
CA GLU A 118 11.07 0.49 -17.14
C GLU A 118 9.78 -0.30 -17.02
N TYR A 119 9.60 -1.00 -15.91
CA TYR A 119 8.35 -1.71 -15.71
C TYR A 119 7.18 -0.75 -15.76
N VAL A 120 7.27 0.36 -15.01
CA VAL A 120 6.20 1.36 -14.98
C VAL A 120 6.02 1.99 -16.35
N ARG A 121 7.11 2.30 -17.04
CA ARG A 121 6.95 2.85 -18.37
C ARG A 121 6.19 1.88 -19.27
N ASP A 122 6.61 0.61 -19.24
CA ASP A 122 6.00 -0.42 -20.08
C ASP A 122 4.51 -0.58 -19.75
N VAL A 123 4.17 -0.67 -18.47
CA VAL A 123 2.76 -0.86 -18.12
C VAL A 123 1.93 0.33 -18.60
N LEU A 124 2.42 1.55 -18.37
CA LEU A 124 1.71 2.73 -18.84
C LEU A 124 1.53 2.71 -20.36
N ASN A 125 2.59 2.34 -21.08
CA ASN A 125 2.53 2.30 -22.55
C ASN A 125 1.55 1.23 -23.03
N ALA A 126 1.57 0.05 -22.42
CA ALA A 126 0.81 -1.07 -22.92
C ALA A 126 -0.68 -0.91 -22.66
N ILE A 127 -1.07 -0.52 -21.45
CA ILE A 127 -2.45 -0.65 -20.98
C ILE A 127 -3.10 0.70 -20.75
N SER A 128 -2.41 1.61 -20.07
CA SER A 128 -3.07 2.85 -19.63
C SER A 128 -3.45 3.73 -20.82
N GLY A 129 -2.55 3.96 -21.75
CA GLY A 129 -2.92 4.88 -22.81
C GLY A 129 -3.05 6.34 -22.42
N SER A 130 -2.57 6.74 -21.24
CA SER A 130 -2.52 8.15 -20.87
C SER A 130 -1.07 8.63 -20.97
N ARG A 131 -0.83 9.58 -21.85
CA ARG A 131 0.52 10.08 -22.10
C ARG A 131 0.88 11.25 -21.19
N ALA A 132 0.03 11.58 -20.22
CA ALA A 132 0.25 12.68 -19.30
C ALA A 132 0.95 12.24 -18.01
N ILE A 133 1.53 11.04 -17.98
CA ILE A 133 2.19 10.51 -16.79
C ILE A 133 3.66 10.27 -17.12
N ALA A 134 4.54 10.92 -16.38
CA ALA A 134 5.98 10.79 -16.58
C ALA A 134 6.54 9.90 -15.48
N VAL A 135 7.67 9.27 -15.80
CA VAL A 135 8.36 8.38 -14.90
C VAL A 135 9.80 8.86 -14.79
N PHE A 136 10.26 8.99 -13.56
CA PHE A 136 11.64 9.36 -13.29
C PHE A 136 12.25 8.30 -12.41
N SER A 137 13.52 8.03 -12.64
CA SER A 137 14.26 7.06 -11.85
C SER A 137 15.35 7.79 -11.07
N TYR A 138 15.68 7.29 -9.89
CA TYR A 138 16.67 7.99 -9.10
C TYR A 138 17.63 7.00 -8.46
N SER A 139 18.87 7.44 -8.34
CA SER A 139 19.93 6.89 -7.51
C SER A 139 19.90 7.56 -6.15
N PRO A 140 20.54 6.97 -5.14
CA PRO A 140 20.38 7.46 -3.76
C PRO A 140 20.75 8.93 -3.63
N PRO A 141 20.01 9.71 -2.84
CA PRO A 141 20.27 11.14 -2.74
C PRO A 141 21.49 11.42 -1.88
N ASP A 142 22.12 12.57 -2.14
CA ASP A 142 23.28 13.05 -1.38
C ASP A 142 22.79 14.09 -0.36
N THR A 143 22.51 13.66 0.87
CA THR A 143 21.95 14.55 1.89
C THR A 143 22.98 15.57 2.39
N THR A 144 24.21 15.45 1.94
CA THR A 144 25.19 16.48 2.20
C THR A 144 24.89 17.75 1.40
N SER A 145 24.26 17.59 0.28
CA SER A 145 24.05 18.72 -0.59
C SER A 145 22.78 19.49 -0.21
N PRO A 146 22.75 20.79 -0.47
CA PRO A 146 21.46 21.50 -0.47
C PRO A 146 20.48 20.94 -1.50
N THR A 147 20.98 20.26 -2.54
CA THR A 147 20.15 19.71 -3.61
C THR A 147 20.42 18.20 -3.75
N PRO A 148 19.89 17.38 -2.83
CA PRO A 148 20.32 15.97 -2.74
C PRO A 148 20.12 15.13 -3.98
N PHE A 149 19.16 15.46 -4.85
CA PHE A 149 18.93 14.68 -6.05
C PHE A 149 19.49 15.34 -7.30
N ALA A 150 20.21 16.46 -7.17
CA ALA A 150 20.75 17.14 -8.34
C ALA A 150 21.61 16.18 -9.13
N GLY A 151 21.30 16.02 -10.41
CA GLY A 151 22.02 15.08 -11.23
C GLY A 151 21.84 13.62 -10.88
N ARG A 152 20.89 13.28 -10.00
CA ARG A 152 20.72 11.89 -9.58
C ARG A 152 19.37 11.34 -9.99
N ILE A 153 18.65 12.07 -10.83
CA ILE A 153 17.32 11.66 -11.28
C ILE A 153 17.33 11.75 -12.80
N GLN A 154 16.90 10.68 -13.45
CA GLN A 154 16.80 10.68 -14.90
C GLN A 154 15.35 10.44 -15.29
N CYS A 155 14.94 11.04 -16.41
CA CYS A 155 13.61 10.85 -16.94
C CYS A 155 13.59 9.59 -17.80
N VAL A 156 12.77 8.61 -17.41
CA VAL A 156 12.62 7.39 -18.17
C VAL A 156 11.45 7.48 -19.16
N ARG A 157 10.44 8.28 -18.84
CA ARG A 157 9.29 8.55 -19.69
C ARG A 157 8.90 10.00 -19.46
N PRO A 158 8.86 10.81 -20.49
CA PRO A 158 8.37 12.18 -20.36
C PRO A 158 6.85 12.16 -20.30
N LEU A 159 6.27 13.35 -20.18
CA LEU A 159 4.83 13.51 -20.22
C LEU A 159 4.49 14.55 -21.28
N VAL A 160 3.23 14.51 -21.72
CA VAL A 160 2.66 15.54 -22.59
C VAL A 160 1.42 16.05 -21.89
N PHE A 161 1.27 17.37 -21.87
CA PHE A 161 0.17 17.96 -21.11
C PHE A 161 -1.17 17.73 -21.79
N ASP A 162 -2.04 17.01 -21.07
CA ASP A 162 -3.41 16.77 -21.50
C ASP A 162 -4.18 18.09 -21.56
N ALA A 163 -4.72 18.42 -22.73
CA ALA A 163 -5.44 19.69 -22.91
C ALA A 163 -6.80 19.66 -22.18
N LEU A 168 -8.50 26.75 -19.69
CA LEU A 168 -8.20 27.85 -18.78
C LEU A 168 -7.39 27.37 -17.58
N ARG A 169 -6.54 28.24 -17.02
CA ARG A 169 -5.67 27.91 -15.91
C ARG A 169 -5.14 29.19 -15.26
N PRO A 170 -4.99 29.22 -13.92
CA PRO A 170 -4.48 30.44 -13.25
C PRO A 170 -3.06 30.31 -12.71
N ALA A 171 -2.28 31.40 -12.72
CA ALA A 171 -0.89 31.40 -12.26
C ALA A 171 -0.67 31.92 -10.83
N ASN A 172 -1.51 32.84 -10.34
CA ASN A 172 -1.37 33.37 -9.00
C ASN A 172 -2.00 32.47 -7.93
N GLN A 173 -2.43 31.28 -8.32
CA GLN A 173 -3.13 30.35 -7.45
C GLN A 173 -2.16 29.34 -6.83
N GLY A 174 -2.55 28.83 -5.66
CA GLY A 174 -1.83 27.76 -5.01
C GLY A 174 -0.76 28.16 -4.00
N PRO A 175 -0.24 27.18 -3.26
CA PRO A 175 0.81 27.48 -2.29
C PRO A 175 2.09 27.87 -3.03
N LYS A 176 2.91 28.66 -2.34
CA LYS A 176 4.14 29.16 -2.92
C LYS A 176 5.38 28.58 -2.22
N THR A 177 5.20 27.64 -1.30
CA THR A 177 6.35 27.03 -0.64
C THR A 177 6.15 25.52 -0.58
N GLN A 178 7.26 24.79 -0.43
CA GLN A 178 7.15 23.36 -0.19
C GLN A 178 6.65 23.07 1.21
N TRP A 179 6.94 23.96 2.17
CA TRP A 179 6.50 23.79 3.54
C TRP A 179 5.19 24.53 3.72
N VAL A 180 4.37 24.04 4.63
CA VAL A 180 3.04 24.59 4.84
C VAL A 180 3.11 25.81 5.76
N HIS A 181 2.37 26.84 5.39
CA HIS A 181 2.19 27.98 6.24
C HIS A 181 0.99 27.71 7.13
N MET A 182 1.21 27.66 8.43
CA MET A 182 0.08 27.60 9.32
C MET A 182 -0.41 29.04 9.54
N ARG A 183 -1.73 29.22 9.46
CA ARG A 183 -2.37 30.51 9.65
C ARG A 183 -2.24 30.94 11.11
N GLU A 184 -1.46 31.99 11.35
CA GLU A 184 -1.15 32.39 12.70
C GLU A 184 -2.26 33.28 13.26
N GLY A 185 -2.48 33.19 14.57
CA GLY A 185 -3.37 34.12 15.26
C GLY A 185 -4.68 33.61 15.82
N SER A 186 -5.42 32.76 15.09
CA SER A 186 -6.76 32.40 15.53
C SER A 186 -6.84 31.05 16.22
N THR A 187 -6.23 30.01 15.67
CA THR A 187 -6.42 28.67 16.21
C THR A 187 -5.28 28.28 17.15
N THR A 188 -5.53 27.24 17.94
CA THR A 188 -4.60 26.69 18.91
C THR A 188 -4.70 25.16 18.88
N ARG A 189 -3.76 24.52 19.58
CA ARG A 189 -3.81 23.07 19.71
C ARG A 189 -5.09 22.64 20.37
N ASP A 190 -5.52 23.40 21.39
CA ASP A 190 -6.75 23.08 22.09
C ASP A 190 -7.98 23.19 21.19
N ALA A 191 -7.98 24.17 20.28
CA ALA A 191 -9.09 24.31 19.35
C ALA A 191 -9.16 23.12 18.39
N PHE A 192 -8.01 22.70 17.83
CA PHE A 192 -7.96 21.51 16.99
C PHE A 192 -8.50 20.29 17.75
N PHE A 193 -8.13 20.17 19.03
CA PHE A 193 -8.54 19.05 19.86
C PHE A 193 -10.05 19.08 20.13
N ARG A 194 -10.58 20.23 20.57
CA ARG A 194 -11.99 20.30 20.89
C ARG A 194 -12.86 20.12 19.67
N PHE A 195 -12.42 20.68 18.54
CA PHE A 195 -13.15 20.52 17.28
C PHE A 195 -13.18 19.06 16.84
N LEU A 196 -12.04 18.34 16.95
CA LEU A 196 -12.06 16.93 16.59
C LEU A 196 -12.98 16.13 17.55
N GLN A 197 -13.03 16.51 18.83
CA GLN A 197 -13.94 15.86 19.78
C GLN A 197 -15.39 16.11 19.39
N VAL A 198 -15.73 17.32 18.99
CA VAL A 198 -17.11 17.59 18.59
C VAL A 198 -17.46 16.76 17.36
N ALA A 199 -16.55 16.65 16.39
CA ALA A 199 -16.84 15.89 15.18
C ALA A 199 -16.99 14.39 15.47
N LYS A 200 -16.19 13.85 16.39
CA LYS A 200 -16.31 12.46 16.80
C LYS A 200 -17.63 12.22 17.56
N ARG A 201 -18.02 13.15 18.44
CA ARG A 201 -19.29 13.04 19.16
C ARG A 201 -20.46 13.07 18.18
N LEU A 202 -20.47 14.04 17.26
CA LEU A 202 -21.54 14.18 16.27
C LEU A 202 -21.58 13.01 15.31
N SER A 203 -20.42 12.44 14.96
CA SER A 203 -20.39 11.28 14.08
C SER A 203 -21.12 10.10 14.70
N ALA A 204 -21.02 9.93 16.02
CA ALA A 204 -21.69 8.85 16.73
C ALA A 204 -23.16 9.15 17.01
N ASP A 205 -23.50 10.43 17.25
CA ASP A 205 -24.87 10.83 17.57
C ASP A 205 -25.23 12.01 16.67
N PRO A 206 -25.45 11.76 15.37
CA PRO A 206 -25.80 12.87 14.46
C PRO A 206 -27.16 13.50 14.74
N THR A 207 -28.10 12.76 15.35
CA THR A 207 -29.45 13.27 15.55
C THR A 207 -29.59 14.15 16.78
N ALA A 208 -29.46 13.57 17.98
CA ALA A 208 -30.07 14.15 19.19
C ALA A 208 -29.63 15.56 19.58
N PRO A 209 -28.35 15.93 19.58
CA PRO A 209 -27.98 17.25 20.13
C PRO A 209 -28.35 18.45 19.24
N ARG A 210 -28.65 19.57 19.90
CA ARG A 210 -28.71 20.91 19.26
C ARG A 210 -28.35 21.92 20.34
N PRO A 211 -27.61 22.99 20.01
CA PRO A 211 -27.21 23.95 21.06
C PRO A 211 -28.27 24.99 21.33
N THR A 212 -28.25 25.51 22.56
CA THR A 212 -29.27 26.44 23.03
C THR A 212 -28.64 27.82 23.22
N LEU A 213 -29.18 28.82 22.52
CA LEU A 213 -28.74 30.18 22.72
C LEU A 213 -29.52 30.78 23.89
N ARG A 214 -28.88 31.72 24.57
CA ARG A 214 -29.57 32.41 25.65
C ARG A 214 -30.62 33.36 25.06
N SER A 215 -31.63 33.66 25.87
CA SER A 215 -32.84 34.34 25.37
C SER A 215 -32.58 35.78 24.90
N GLU A 216 -31.73 36.53 25.60
CA GLU A 216 -31.50 37.89 25.15
C GLU A 216 -30.89 37.91 23.75
N LEU A 217 -29.94 36.99 23.49
CA LEU A 217 -29.31 36.92 22.17
C LEU A 217 -30.33 36.50 21.11
N VAL A 218 -31.16 35.49 21.40
CA VAL A 218 -32.20 35.10 20.44
C VAL A 218 -33.14 36.26 20.16
N ALA A 219 -33.52 37.02 21.19
CA ALA A 219 -34.30 38.22 20.97
C ALA A 219 -33.53 39.24 20.15
N ALA A 220 -32.24 39.41 20.45
CA ALA A 220 -31.48 40.38 19.69
C ALA A 220 -31.34 39.97 18.22
N ILE A 221 -31.10 38.68 17.95
CA ILE A 221 -30.94 38.22 16.56
C ILE A 221 -32.24 38.40 15.78
N GLY A 222 -33.35 37.95 16.37
CA GLY A 222 -34.64 38.18 15.75
C GLY A 222 -34.93 39.63 15.41
N ARG A 223 -34.46 40.58 16.23
CA ARG A 223 -34.59 41.99 15.89
C ARG A 223 -33.55 42.40 14.82
N LEU A 224 -32.35 41.81 14.84
CA LEU A 224 -31.38 42.19 13.81
C LEU A 224 -31.68 41.53 12.47
N ALA A 225 -32.02 40.24 12.52
CA ALA A 225 -32.27 39.43 11.34
C ALA A 225 -33.59 38.72 11.55
N PRO A 226 -34.70 39.41 11.30
CA PRO A 226 -36.03 38.88 11.67
C PRO A 226 -36.34 37.49 11.16
N GLY A 227 -35.89 37.13 9.99
CA GLY A 227 -36.23 35.80 9.50
C GLY A 227 -35.23 34.71 9.83
N ARG A 228 -33.95 35.07 10.05
CA ARG A 228 -32.91 34.06 10.14
C ARG A 228 -33.03 33.21 11.40
N ASP A 229 -32.70 31.93 11.25
CA ASP A 229 -32.58 31.03 12.40
C ASP A 229 -31.39 31.48 13.22
N PRO A 230 -31.56 31.69 14.53
CA PRO A 230 -30.48 32.34 15.31
C PRO A 230 -29.17 31.55 15.32
N ILE A 231 -29.24 30.22 15.40
CA ILE A 231 -28.02 29.43 15.39
C ILE A 231 -27.28 29.60 14.06
N GLU A 232 -28.00 29.50 12.94
CA GLU A 232 -27.35 29.71 11.66
C GLU A 232 -26.77 31.10 11.57
N TYR A 233 -27.47 32.08 12.15
CA TYR A 233 -27.03 33.46 12.13
C TYR A 233 -25.74 33.67 12.92
N ILE A 234 -25.73 33.23 14.17
CA ILE A 234 -24.62 33.52 15.08
C ILE A 234 -23.40 32.64 14.78
N THR A 235 -23.57 31.53 14.07
CA THR A 235 -22.42 30.73 13.63
C THR A 235 -22.02 31.03 12.20
N ASN A 236 -22.74 31.92 11.52
CA ASN A 236 -22.46 32.32 10.13
C ASN A 236 -22.40 31.11 9.19
N THR A 237 -23.43 30.28 9.25
CA THR A 237 -23.52 29.13 8.38
C THR A 237 -24.86 29.11 7.65
N ALA A 238 -24.85 28.49 6.48
CA ALA A 238 -26.06 28.25 5.71
C ALA A 238 -26.26 26.79 5.34
N ASP A 239 -25.18 26.02 5.16
CA ASP A 239 -25.29 24.62 4.77
C ASP A 239 -25.77 23.78 5.96
N ASN A 240 -26.14 22.53 5.66
CA ASN A 240 -26.44 21.55 6.70
C ASN A 240 -25.51 20.35 6.62
N LYS A 241 -24.36 20.50 5.98
CA LYS A 241 -23.39 19.42 5.82
C LYS A 241 -22.84 19.01 7.18
N PHE A 242 -22.23 17.82 7.24
CA PHE A 242 -21.71 17.33 8.50
C PHE A 242 -20.69 18.30 9.08
N LEU A 243 -19.79 18.79 8.22
CA LEU A 243 -18.74 19.70 8.65
C LEU A 243 -19.33 20.99 9.21
N THR A 244 -20.46 21.45 8.66
CA THR A 244 -21.08 22.67 9.15
C THR A 244 -21.71 22.48 10.53
N LYS A 245 -22.40 21.36 10.76
CA LYS A 245 -22.99 21.11 12.07
C LYS A 245 -21.92 20.98 13.13
N VAL A 246 -20.82 20.31 12.80
CA VAL A 246 -19.69 20.23 13.72
C VAL A 246 -19.21 21.63 14.08
N TRP A 247 -19.16 22.52 13.09
CA TRP A 247 -18.76 23.90 13.34
C TRP A 247 -19.73 24.57 14.30
N GLN A 248 -21.03 24.39 14.07
CA GLN A 248 -22.01 25.09 14.88
C GLN A 248 -21.90 24.71 16.34
N PHE A 249 -21.75 23.41 16.61
CA PHE A 249 -21.64 22.93 17.99
C PHE A 249 -20.36 23.43 18.63
N PHE A 250 -19.24 23.27 17.91
CA PHE A 250 -17.94 23.68 18.41
C PHE A 250 -17.93 25.18 18.72
N TRP A 251 -18.50 25.99 17.82
CA TRP A 251 -18.49 27.42 18.03
C TRP A 251 -19.23 27.77 19.30
N LEU A 252 -20.46 27.25 19.45
CA LEU A 252 -21.25 27.63 20.62
C LEU A 252 -20.85 26.87 21.87
N GLU A 253 -20.35 25.64 21.75
CA GLU A 253 -19.95 24.90 22.94
C GLU A 253 -18.67 25.48 23.53
N TRP A 254 -17.69 25.82 22.68
CA TRP A 254 -16.33 26.05 23.12
C TRP A 254 -15.85 27.49 23.00
N LEU A 255 -16.24 28.24 21.97
CA LEU A 255 -15.68 29.56 21.76
C LEU A 255 -16.71 30.66 22.03
N ALA A 256 -17.71 30.81 21.16
CA ALA A 256 -18.76 31.80 21.37
C ALA A 256 -19.81 31.17 22.28
N THR A 257 -19.38 30.91 23.50
CA THR A 257 -20.22 30.34 24.51
C THR A 257 -21.19 31.41 24.96
N PRO A 258 -22.25 31.03 25.69
CA PRO A 258 -23.18 32.05 26.17
C PRO A 258 -22.50 33.24 26.85
N ALA A 259 -21.46 33.00 27.66
CA ALA A 259 -20.79 34.11 28.32
C ALA A 259 -20.07 35.00 27.31
N VAL A 260 -19.35 34.37 26.37
CA VAL A 260 -18.57 35.11 25.37
C VAL A 260 -19.48 35.87 24.42
N LEU A 261 -20.71 35.37 24.17
CA LEU A 261 -21.67 36.06 23.31
C LEU A 261 -22.31 37.25 24.00
N THR A 262 -22.06 37.44 25.27
CA THR A 262 -22.59 38.59 26.00
C THR A 262 -21.80 39.84 25.62
N PRO A 263 -22.42 40.81 24.96
CA PRO A 263 -21.64 41.99 24.51
C PRO A 263 -21.22 42.89 25.65
N TRP A 264 -22.11 43.17 26.60
CA TRP A 264 -21.78 44.01 27.73
C TRP A 264 -22.51 43.51 28.97
N LYS A 265 -22.03 43.97 30.10
CA LYS A 265 -22.72 43.85 31.37
C LYS A 265 -23.20 45.26 31.74
N LEU A 266 -24.48 45.38 32.10
CA LEU A 266 -25.06 46.67 32.49
C LEU A 266 -25.46 46.63 33.96
N GLU A 267 -24.83 47.48 34.76
CA GLU A 267 -25.12 47.61 36.18
C GLU A 267 -25.33 49.09 36.50
N ALA A 268 -26.58 49.45 36.80
CA ALA A 268 -26.92 50.78 37.31
C ALA A 268 -26.42 51.89 36.40
N GLY A 269 -26.86 51.84 35.13
CA GLY A 269 -26.55 52.86 34.14
C GLY A 269 -25.17 52.77 33.53
N VAL A 270 -24.33 51.83 33.99
CA VAL A 270 -22.94 51.72 33.59
C VAL A 270 -22.74 50.47 32.75
N TYR A 271 -22.05 50.63 31.62
CA TYR A 271 -21.76 49.54 30.69
C TYR A 271 -20.31 49.12 30.83
N SER A 272 -20.07 47.82 30.73
CA SER A 272 -18.72 47.30 30.89
C SER A 272 -18.59 46.05 30.06
N ALA A 273 -17.38 45.81 29.59
CA ALA A 273 -17.10 44.59 28.88
C ALA A 273 -17.08 43.45 29.90
N PRO A 274 -17.68 42.30 29.57
CA PRO A 274 -17.92 41.25 30.59
C PRO A 274 -16.67 40.59 31.10
N GLY A 275 -15.57 40.66 30.38
CA GLY A 275 -14.42 39.86 30.78
C GLY A 275 -14.64 38.39 30.57
N ALA A 276 -15.37 38.01 29.53
CA ALA A 276 -15.60 36.60 29.27
C ALA A 276 -14.32 35.97 28.73
N ARG A 277 -14.16 34.70 29.05
CA ARG A 277 -13.09 33.91 28.48
C ARG A 277 -13.77 32.69 27.88
N THR A 278 -13.21 32.18 26.78
CA THR A 278 -13.76 31.00 26.13
C THR A 278 -13.40 29.76 26.97
N ARG A 279 -13.67 28.58 26.43
CA ARG A 279 -13.28 27.32 27.05
C ARG A 279 -12.09 26.68 26.33
N ILE A 280 -11.40 27.45 25.48
CA ILE A 280 -10.27 27.01 24.66
C ILE A 280 -9.00 27.62 25.23
N LEU A 281 -8.06 26.77 25.63
CA LEU A 281 -6.81 27.27 26.21
C LEU A 281 -5.98 28.01 25.17
N ARG A 282 -5.31 29.08 25.60
CA ARG A 282 -4.24 29.68 24.81
C ARG A 282 -3.08 28.71 24.70
N GLU A 283 -2.32 28.82 23.61
CA GLU A 283 -1.21 27.89 23.40
C GLU A 283 -0.18 27.96 24.51
N ASP A 284 0.00 29.13 25.11
CA ASP A 284 0.98 29.32 26.16
C ASP A 284 0.51 28.86 27.52
N GLY A 285 -0.71 28.38 27.67
CA GLY A 285 -1.18 27.86 28.94
C GLY A 285 -1.47 28.91 30.00
N THR A 286 -1.22 30.20 29.73
CA THR A 286 -1.40 31.24 30.74
C THR A 286 -2.88 31.40 31.12
N ASP A 287 -3.79 31.37 30.14
CA ASP A 287 -5.21 31.52 30.43
C ASP A 287 -6.01 30.87 29.30
N PHE A 288 -7.33 30.93 29.42
CA PHE A 288 -8.22 30.62 28.32
C PHE A 288 -8.25 31.80 27.36
N SER A 289 -8.52 31.52 26.09
CA SER A 289 -8.50 32.55 25.07
C SER A 289 -9.78 33.40 25.13
N GLN A 290 -9.76 34.51 24.37
CA GLN A 290 -10.85 35.49 24.36
C GLN A 290 -11.29 35.84 22.94
N LEU A 291 -12.58 36.10 22.78
CA LEU A 291 -13.14 36.58 21.52
C LEU A 291 -13.82 37.93 21.74
N TRP A 292 -13.54 38.90 20.87
CA TRP A 292 -14.16 40.22 20.82
C TRP A 292 -13.78 41.08 22.02
N GLU A 293 -12.88 40.59 22.86
CA GLU A 293 -12.44 41.25 24.07
C GLU A 293 -10.96 40.98 24.23
N GLY A 294 -10.27 41.80 25.01
CA GLY A 294 -8.91 41.42 25.34
C GLY A 294 -7.82 42.23 24.67
N ARG A 295 -6.75 41.56 24.26
CA ARG A 295 -5.61 42.25 23.69
C ARG A 295 -5.60 42.29 22.17
N VAL A 296 -6.28 41.37 21.50
CA VAL A 296 -6.31 41.45 20.04
C VAL A 296 -7.47 42.31 19.57
N ASN A 297 -8.69 42.03 20.07
CA ASN A 297 -9.90 42.72 19.64
C ASN A 297 -10.55 43.42 20.84
N SER A 298 -10.56 44.76 20.85
CA SER A 298 -11.26 45.46 21.93
C SER A 298 -12.67 45.86 21.54
N LEU A 299 -13.39 44.99 20.84
CA LEU A 299 -14.71 45.32 20.30
C LEU A 299 -15.72 45.58 21.41
N LYS A 300 -15.78 44.69 22.41
CA LYS A 300 -16.74 44.87 23.50
C LYS A 300 -16.41 46.12 24.32
N GLU A 301 -15.11 46.36 24.57
CA GLU A 301 -14.70 47.54 25.31
C GLU A 301 -15.05 48.81 24.54
N THR A 302 -14.83 48.81 23.22
CA THR A 302 -15.19 49.97 22.41
C THR A 302 -16.70 50.20 22.38
N ILE A 303 -17.49 49.13 22.34
CA ILE A 303 -18.94 49.29 22.37
C ILE A 303 -19.40 49.83 23.73
N ALA A 304 -18.85 49.28 24.83
CA ALA A 304 -19.27 49.74 26.15
C ALA A 304 -18.91 51.18 26.38
N GLY A 305 -17.74 51.62 25.88
CA GLY A 305 -17.38 53.01 25.96
C GLY A 305 -18.24 53.94 25.13
N MET A 306 -18.82 53.44 24.03
CA MET A 306 -19.69 54.32 23.25
C MET A 306 -21.11 54.34 23.80
N LEU A 307 -21.49 53.31 24.56
CA LEU A 307 -22.75 53.34 25.30
C LEU A 307 -22.67 54.29 26.50
N ASN A 308 -21.58 54.22 27.27
CA ASN A 308 -21.38 55.07 28.43
C ASN A 308 -21.28 56.55 28.06
N ARG A 309 -20.76 56.86 26.88
CA ARG A 309 -20.69 58.25 26.44
C ARG A 309 -21.97 58.71 25.74
N GLY A 310 -22.99 57.85 25.67
CA GLY A 310 -24.23 58.23 25.03
C GLY A 310 -24.09 58.54 23.56
N GLU A 311 -23.18 57.86 22.87
CA GLU A 311 -23.02 57.96 21.43
C GLU A 311 -23.96 57.04 20.66
N ILE A 312 -24.36 55.91 21.24
CA ILE A 312 -25.13 54.89 20.52
C ILE A 312 -26.22 54.29 21.40
N SER A 313 -27.27 53.81 20.76
CA SER A 313 -28.30 53.05 21.43
C SER A 313 -27.79 51.64 21.75
N GLU A 314 -28.53 50.93 22.59
CA GLU A 314 -28.27 49.51 22.77
C GLU A 314 -28.54 48.73 21.49
N ALA A 315 -29.57 49.12 20.73
CA ALA A 315 -29.82 48.45 19.46
C ALA A 315 -28.63 48.60 18.52
N GLN A 316 -28.05 49.81 18.46
CA GLN A 316 -26.87 50.02 17.63
C GLN A 316 -25.67 49.27 18.19
N GLY A 317 -25.65 49.03 19.50
CA GLY A 317 -24.55 48.30 20.09
C GLY A 317 -24.54 46.86 19.64
N TRP A 318 -25.73 46.25 19.55
CA TRP A 318 -25.84 44.89 19.04
C TRP A 318 -25.41 44.81 17.58
N GLU A 319 -25.75 45.82 16.78
CA GLU A 319 -25.30 45.82 15.39
C GLU A 319 -23.78 45.81 15.32
N ALA A 320 -23.13 46.65 16.14
CA ALA A 320 -21.67 46.71 16.16
C ALA A 320 -21.06 45.39 16.65
N PHE A 321 -21.64 44.78 17.68
CA PHE A 321 -21.14 43.51 18.19
C PHE A 321 -21.18 42.41 17.11
N VAL A 322 -22.34 42.19 16.49
CA VAL A 322 -22.43 41.16 15.47
C VAL A 322 -21.71 41.59 14.19
N GLY A 323 -21.76 42.89 13.85
CA GLY A 323 -21.23 43.36 12.57
C GLY A 323 -19.83 43.95 12.55
N GLY A 324 -19.22 44.20 13.70
CA GLY A 324 -17.91 44.80 13.75
C GLY A 324 -17.95 46.32 13.60
N ILE A 325 -16.82 46.94 13.95
CA ILE A 325 -16.59 48.37 13.78
C ILE A 325 -15.45 48.53 12.79
N SER A 326 -15.65 49.39 11.78
CA SER A 326 -14.62 49.69 10.81
C SER A 326 -13.49 50.53 11.42
N ALA A 327 -12.34 50.50 10.77
CA ALA A 327 -11.20 51.33 11.18
C ALA A 327 -11.53 52.82 11.05
N ASP A 333 -11.25 47.31 11.14
CA ASP A 333 -10.21 47.04 12.12
C ASP A 333 -10.71 46.13 13.25
N LYS A 334 -11.97 46.31 13.68
CA LYS A 334 -12.53 45.52 14.78
C LYS A 334 -13.61 44.59 14.23
N GLN A 335 -13.30 43.28 14.25
CA GLN A 335 -14.14 42.23 13.70
C GLN A 335 -15.33 41.91 14.60
N GLY A 336 -16.51 41.76 13.99
CA GLY A 336 -17.71 41.37 14.72
C GLY A 336 -17.87 39.86 14.83
N VAL A 337 -19.00 39.45 15.40
CA VAL A 337 -19.23 38.02 15.65
C VAL A 337 -19.26 37.23 14.34
N ARG A 338 -20.06 37.69 13.37
CA ARG A 338 -20.20 36.97 12.11
C ARG A 338 -18.88 36.92 11.36
N ALA A 339 -18.19 38.04 11.23
CA ALA A 339 -16.93 38.04 10.52
C ALA A 339 -15.89 37.17 11.23
N ARG A 340 -15.88 37.20 12.57
CA ARG A 340 -14.95 36.35 13.30
C ARG A 340 -15.31 34.87 13.11
N ALA A 341 -16.60 34.53 13.15
CA ALA A 341 -17.00 33.13 12.98
C ALA A 341 -16.59 32.60 11.63
N HIS A 342 -16.80 33.39 10.57
CA HIS A 342 -16.46 32.96 9.22
C HIS A 342 -14.95 32.83 9.05
N SER A 343 -14.17 33.79 9.54
CA SER A 343 -12.72 33.66 9.39
C SER A 343 -12.16 32.54 10.28
N TYR A 344 -12.72 32.38 11.49
CA TYR A 344 -12.26 31.30 12.37
C TYR A 344 -12.58 29.93 11.76
N ARG A 345 -13.76 29.79 11.17
CA ARG A 345 -14.12 28.55 10.51
C ARG A 345 -13.15 28.20 9.38
N GLU A 346 -12.77 29.21 8.59
CA GLU A 346 -11.86 28.99 7.47
C GLU A 346 -10.45 28.66 7.94
N ASP A 347 -9.98 29.26 9.03
CA ASP A 347 -8.65 28.90 9.52
C ASP A 347 -8.63 27.46 10.04
N ILE A 348 -9.59 27.12 10.91
CA ILE A 348 -9.56 25.82 11.57
C ILE A 348 -9.80 24.70 10.56
N ASP A 349 -10.69 24.92 9.60
CA ASP A 349 -10.89 23.94 8.54
C ASP A 349 -9.59 23.69 7.77
N SER A 350 -8.90 24.78 7.42
CA SER A 350 -7.68 24.66 6.62
C SER A 350 -6.59 23.92 7.37
N ALA A 351 -6.35 24.31 8.62
CA ALA A 351 -5.26 23.70 9.36
C ALA A 351 -5.52 22.19 9.57
N LEU A 352 -6.74 21.85 9.96
CA LEU A 352 -7.07 20.45 10.23
C LEU A 352 -6.93 19.60 8.97
N ALA A 353 -7.36 20.13 7.83
CA ALA A 353 -7.18 19.41 6.58
C ALA A 353 -5.69 19.30 6.23
N GLN A 354 -4.95 20.40 6.42
CA GLN A 354 -3.53 20.42 6.10
C GLN A 354 -2.73 19.55 7.08
N LEU A 355 -3.10 19.53 8.36
CA LEU A 355 -2.48 18.56 9.26
C LEU A 355 -2.92 17.13 8.95
N ARG A 356 -3.89 16.96 8.04
CA ARG A 356 -4.43 15.65 7.71
C ARG A 356 -5.04 15.00 8.95
N TRP A 357 -5.68 15.81 9.79
CA TRP A 357 -6.38 15.30 10.95
C TRP A 357 -7.87 15.08 10.67
N ILE A 358 -8.36 15.54 9.54
CA ILE A 358 -9.78 15.47 9.22
C ILE A 358 -9.93 15.06 7.76
N GLU A 359 -10.92 14.21 7.49
CA GLU A 359 -11.28 13.85 6.12
C GLU A 359 -12.08 14.99 5.48
N ASP A 360 -12.13 14.98 4.14
CA ASP A 360 -12.94 15.98 3.44
C ASP A 360 -14.38 15.92 3.91
N ASP A 361 -14.83 14.74 4.28
CA ASP A 361 -16.15 14.45 4.82
C ASP A 361 -16.37 15.07 6.20
N GLY A 362 -15.31 15.45 6.89
CA GLY A 362 -15.42 15.98 8.23
C GLY A 362 -15.10 14.99 9.33
N LEU A 363 -14.83 13.74 8.99
CA LEU A 363 -14.49 12.80 10.05
C LEU A 363 -13.02 12.94 10.45
N PRO A 364 -12.69 12.71 11.71
CA PRO A 364 -11.27 12.63 12.08
C PRO A 364 -10.58 11.49 11.35
N THR A 365 -9.34 11.73 10.93
CA THR A 365 -8.48 10.68 10.37
C THR A 365 -7.82 9.90 11.50
N ASP A 366 -7.08 8.86 11.12
CA ASP A 366 -6.28 8.14 12.10
C ASP A 366 -5.39 9.10 12.90
N GLN A 367 -4.82 10.11 12.23
CA GLN A 367 -3.93 11.06 12.91
C GLN A 367 -4.71 12.00 13.83
N GLY A 368 -5.89 12.45 13.38
CA GLY A 368 -6.75 13.22 14.25
C GLY A 368 -7.18 12.42 15.46
N TYR A 369 -7.46 11.12 15.25
CA TYR A 369 -7.79 10.24 16.37
C TYR A 369 -6.62 10.10 17.32
N ARG A 370 -5.43 9.95 16.76
CA ARG A 370 -4.25 9.83 17.61
C ARG A 370 -4.03 11.11 18.40
N PHE A 371 -4.22 12.28 17.76
CA PHE A 371 -4.04 13.54 18.49
C PHE A 371 -5.03 13.65 19.63
N MET A 372 -6.30 13.36 19.34
CA MET A 372 -7.36 13.43 20.33
C MET A 372 -7.08 12.51 21.51
N THR A 373 -6.62 11.28 21.22
CA THR A 373 -6.32 10.32 22.29
C THR A 373 -5.18 10.80 23.16
N ILE A 374 -4.14 11.39 22.55
CA ILE A 374 -3.05 11.95 23.36
C ILE A 374 -3.56 13.09 24.25
N CYS A 375 -4.40 13.98 23.73
CA CYS A 375 -4.93 15.05 24.57
C CYS A 375 -5.80 14.51 25.70
N GLU A 376 -6.63 13.50 25.40
CA GLU A 376 -7.56 12.97 26.40
C GLU A 376 -6.83 12.24 27.52
N ARG A 377 -5.79 11.47 27.19
CA ARG A 377 -5.13 10.63 28.20
C ARG A 377 -3.93 11.27 28.88
N TYR A 378 -3.15 12.12 28.20
CA TYR A 378 -1.88 12.60 28.75
C TYR A 378 -1.89 14.06 29.18
N GLY A 379 -3.05 14.61 29.56
CA GLY A 379 -3.10 15.92 30.17
C GLY A 379 -3.54 17.09 29.31
N GLY A 380 -4.16 16.84 28.16
CA GLY A 380 -4.78 17.90 27.40
C GLY A 380 -3.85 18.44 26.33
N ALA A 381 -4.40 19.37 25.56
CA ALA A 381 -3.78 19.86 24.36
C ALA A 381 -2.50 20.66 24.61
N ASN A 382 -2.26 21.13 25.83
CA ASN A 382 -1.00 21.82 26.14
C ASN A 382 0.00 20.93 26.87
N SER A 383 -0.20 19.61 26.88
CA SER A 383 0.76 18.76 27.55
C SER A 383 2.00 18.56 26.69
N ARG A 384 3.08 18.11 27.34
CA ARG A 384 4.29 17.78 26.61
C ARG A 384 4.03 16.76 25.51
N ALA A 385 3.15 15.77 25.78
CA ALA A 385 2.86 14.77 24.75
C ALA A 385 2.09 15.38 23.59
N ALA A 386 1.17 16.31 23.89
CA ALA A 386 0.42 16.96 22.80
C ALA A 386 1.33 17.89 22.01
N ILE A 387 2.18 18.65 22.71
CA ILE A 387 3.13 19.52 22.01
C ILE A 387 4.07 18.67 21.15
N ASP A 388 4.54 17.55 21.68
CA ASP A 388 5.41 16.68 20.89
C ASP A 388 4.67 16.12 19.67
N TYR A 389 3.38 15.74 19.84
CA TYR A 389 2.68 15.20 18.68
C TYR A 389 2.48 16.27 17.60
N MET A 390 2.15 17.52 17.99
CA MET A 390 2.01 18.61 17.01
C MET A 390 3.33 18.90 16.32
N GLY A 391 4.41 19.01 17.09
CA GLY A 391 5.70 19.27 16.50
C GLY A 391 6.06 18.21 15.46
N ALA A 392 5.82 16.94 15.80
CA ALA A 392 6.09 15.88 14.83
C ALA A 392 5.24 16.04 13.59
N THR A 393 3.99 16.47 13.77
CA THR A 393 3.12 16.67 12.61
C THR A 393 3.63 17.80 11.72
N LEU A 394 4.04 18.92 12.31
CA LEU A 394 4.56 20.02 11.52
C LEU A 394 5.85 19.61 10.81
N ILE A 395 6.70 18.84 11.48
CA ILE A 395 7.95 18.46 10.87
C ILE A 395 7.69 17.53 9.71
N GLN A 396 6.76 16.59 9.87
CA GLN A 396 6.48 15.59 8.84
C GLN A 396 5.41 16.05 7.86
N THR A 397 4.18 16.23 8.32
CA THR A 397 3.10 16.55 7.39
C THR A 397 3.22 17.96 6.87
N GLY A 398 3.69 18.91 7.70
CA GLY A 398 3.95 20.25 7.20
C GLY A 398 5.24 20.44 6.42
N ARG A 399 6.07 19.40 6.29
CA ARG A 399 7.27 19.38 5.46
C ARG A 399 8.35 20.34 5.95
N TYR A 400 8.43 20.59 7.25
CA TYR A 400 9.52 21.44 7.71
C TYR A 400 10.87 20.74 7.80
N ALA A 401 10.89 19.41 7.69
CA ALA A 401 12.16 18.70 7.63
C ALA A 401 12.94 19.08 6.37
N SER A 402 12.26 19.20 5.24
CA SER A 402 12.94 19.64 4.02
C SER A 402 13.40 21.10 4.15
N PHE A 403 12.55 21.96 4.71
CA PHE A 403 12.92 23.35 4.93
C PHE A 403 14.17 23.45 5.79
N LEU A 404 14.19 22.73 6.91
CA LEU A 404 15.36 22.78 7.78
C LEU A 404 16.60 22.28 7.07
N HIS A 405 16.45 21.28 6.20
CA HIS A 405 17.61 20.77 5.49
C HIS A 405 18.17 21.83 4.55
N TYR A 406 17.28 22.59 3.88
CA TYR A 406 17.69 23.61 2.93
C TYR A 406 18.46 24.73 3.64
N ILE A 407 17.87 25.26 4.72
CA ILE A 407 18.50 26.29 5.54
C ILE A 407 19.84 25.83 6.08
N ASN A 408 19.89 24.60 6.60
CA ASN A 408 21.10 24.07 7.17
C ASN A 408 22.21 23.99 6.13
N ARG A 409 21.91 23.34 5.01
CA ARG A 409 22.92 23.16 3.98
C ARG A 409 23.28 24.48 3.33
N LEU A 410 22.31 25.34 3.06
CA LEU A 410 22.65 26.62 2.47
C LEU A 410 23.50 27.43 3.43
N SER A 411 23.13 27.45 4.72
CA SER A 411 23.93 28.18 5.70
C SER A 411 25.31 27.56 5.87
N GLU A 412 25.38 26.23 5.98
CA GLU A 412 26.69 25.60 6.13
C GLU A 412 27.58 25.95 4.95
N ARG A 413 27.00 26.01 3.74
CA ARG A 413 27.80 26.34 2.57
C ARG A 413 28.43 27.73 2.69
N LYS A 414 27.68 28.71 3.21
CA LYS A 414 28.22 30.06 3.37
C LYS A 414 29.33 30.12 4.42
N PHE A 415 29.04 29.63 5.63
CA PHE A 415 29.95 29.80 6.74
C PHE A 415 31.14 28.87 6.70
N ALA A 416 31.03 27.71 6.03
CA ALA A 416 32.20 26.85 5.90
C ALA A 416 33.29 27.51 5.08
N GLU A 417 32.91 28.20 3.99
CA GLU A 417 33.87 28.97 3.21
C GLU A 417 34.36 30.20 3.99
N ASN A 418 33.47 30.92 4.66
CA ASN A 418 33.84 32.12 5.42
C ASN A 418 33.06 32.21 6.72
N PRO A 419 33.66 31.81 7.85
CA PRO A 419 32.91 31.80 9.11
C PRO A 419 32.49 33.20 9.56
N LEU A 420 33.11 34.26 9.08
CA LEU A 420 32.76 35.62 9.46
C LEU A 420 31.81 36.24 8.46
N ALA A 421 31.24 35.43 7.57
CA ALA A 421 30.33 35.96 6.56
C ALA A 421 29.24 36.81 7.21
N TYR A 422 28.90 37.91 6.53
CA TYR A 422 27.84 38.85 6.92
C TYR A 422 28.22 39.74 8.11
N THR A 423 29.33 39.49 8.80
CA THR A 423 29.56 40.25 10.02
C THR A 423 29.97 41.69 9.72
N LYS A 424 29.82 42.53 10.73
CA LYS A 424 30.17 43.94 10.62
C LYS A 424 31.04 44.37 11.81
N PRO A 425 31.88 45.38 11.62
CA PRO A 425 32.78 45.81 12.71
C PRO A 425 32.02 46.22 13.97
N GLY A 426 32.42 45.60 15.09
CA GLY A 426 31.80 45.84 16.38
C GLY A 426 32.58 46.67 17.38
N PRO A 427 32.26 46.48 18.66
CA PRO A 427 32.82 47.35 19.72
C PRO A 427 34.35 47.41 19.77
N GLY A 428 35.03 46.28 19.69
CA GLY A 428 36.48 46.29 19.65
C GLY A 428 37.10 46.44 18.26
N GLY A 429 36.28 46.67 17.24
CA GLY A 429 36.67 46.42 15.86
C GLY A 429 36.42 44.98 15.45
N MET A 430 36.13 44.12 16.43
CA MET A 430 35.89 42.72 16.19
C MET A 430 34.59 42.49 15.43
N PRO A 431 34.51 41.44 14.62
CA PRO A 431 33.29 41.17 13.87
C PRO A 431 32.12 40.89 14.80
N VAL A 432 30.96 41.39 14.40
CA VAL A 432 29.70 41.17 15.08
C VAL A 432 28.67 40.73 14.04
N PHE A 433 27.85 39.75 14.40
CA PHE A 433 26.75 39.34 13.53
C PHE A 433 25.53 40.13 14.00
N THR A 434 25.15 41.15 13.24
CA THR A 434 24.10 42.05 13.69
C THR A 434 22.77 41.73 13.05
N GLU A 435 21.78 42.57 13.36
CA GLU A 435 20.47 42.44 12.73
C GLU A 435 20.55 42.70 11.24
N GLU A 436 21.45 43.58 10.83
CA GLU A 436 21.69 43.75 9.41
C GLU A 436 22.29 42.47 8.81
N SER A 437 23.26 41.88 9.50
CA SER A 437 23.84 40.62 9.05
C SER A 437 22.73 39.59 8.81
N TYR A 438 21.80 39.49 9.76
CA TYR A 438 20.72 38.54 9.68
C TYR A 438 19.85 38.78 8.46
N TRP A 439 19.48 40.04 8.20
CA TRP A 439 18.60 40.35 7.06
C TRP A 439 19.32 40.07 5.73
N GLU A 440 20.63 40.33 5.68
CA GLU A 440 21.41 39.98 4.50
C GLU A 440 21.44 38.48 4.30
N TYR A 441 21.68 37.74 5.37
CA TYR A 441 21.74 36.29 5.30
C TYR A 441 20.36 35.70 4.99
N LEU A 442 19.29 36.24 5.57
CA LEU A 442 17.96 35.72 5.24
C LEU A 442 17.64 35.96 3.78
N GLN A 443 18.04 37.12 3.24
CA GLN A 443 17.75 37.39 1.84
C GLN A 443 18.52 36.44 0.91
N ASP A 444 19.78 36.13 1.25
CA ASP A 444 20.53 35.17 0.45
C ASP A 444 19.83 33.81 0.47
N LEU A 445 19.36 33.39 1.65
CA LEU A 445 18.56 32.17 1.73
C LEU A 445 17.35 32.24 0.83
N GLU A 446 16.67 33.39 0.74
CA GLU A 446 15.50 33.46 -0.12
C GLU A 446 15.89 33.26 -1.56
N THR A 447 16.95 33.93 -2.00
CA THR A 447 17.34 33.84 -3.40
C THR A 447 17.75 32.41 -3.77
N LYS A 448 18.38 31.70 -2.84
CA LYS A 448 18.71 30.31 -3.13
C LYS A 448 17.47 29.42 -3.17
N LEU A 449 16.56 29.63 -2.23
CA LEU A 449 15.36 28.79 -2.19
C LEU A 449 14.52 29.01 -3.44
N THR A 450 14.44 30.24 -3.94
CA THR A 450 13.60 30.38 -5.12
C THR A 450 14.35 30.16 -6.43
N ASP A 451 15.61 30.59 -6.55
CA ASP A 451 16.25 30.52 -7.86
C ASP A 451 17.13 29.29 -8.07
N GLU A 452 17.78 28.78 -7.02
CA GLU A 452 18.63 27.58 -7.17
C GLU A 452 17.84 26.31 -6.88
N LEU A 453 17.19 26.25 -5.71
CA LEU A 453 16.46 25.04 -5.31
C LEU A 453 15.05 24.94 -5.92
N ARG A 454 14.43 26.07 -6.26
CA ARG A 454 13.09 26.12 -6.85
C ARG A 454 12.02 25.55 -5.92
N VAL A 455 12.15 25.83 -4.64
CA VAL A 455 11.21 25.35 -3.64
C VAL A 455 10.32 26.47 -3.11
N MET A 456 10.41 27.66 -3.70
CA MET A 456 9.46 28.72 -3.38
C MET A 456 9.43 29.69 -4.55
N ARG A 457 8.34 30.43 -4.67
CA ARG A 457 8.15 31.38 -5.75
C ARG A 457 7.57 32.68 -5.19
N LYS A 458 7.58 33.74 -6.01
CA LYS A 458 7.08 35.04 -5.59
C LYS A 458 5.56 35.14 -5.72
N VAL A 459 4.94 35.79 -4.74
CA VAL A 459 3.49 36.01 -4.72
C VAL A 459 3.07 36.94 -5.87
N THR A 469 10.47 37.23 2.05
CA THR A 469 11.49 38.19 2.48
C THR A 469 11.88 38.03 3.97
N THR A 470 11.10 37.30 4.73
CA THR A 470 11.18 37.41 6.19
C THR A 470 11.35 36.08 6.91
N PHE A 471 10.60 35.04 6.50
CA PHE A 471 10.52 33.74 7.14
C PHE A 471 9.98 33.82 8.57
N GLN A 472 9.25 34.89 8.90
CA GLN A 472 8.77 35.05 10.27
C GLN A 472 7.77 33.97 10.64
N VAL A 473 6.86 33.66 9.73
CA VAL A 473 5.85 32.65 10.06
C VAL A 473 6.53 31.31 10.30
N GLU A 474 7.45 30.92 9.41
CA GLU A 474 8.13 29.63 9.56
C GLU A 474 8.98 29.60 10.82
N LEU A 475 9.76 30.67 11.06
CA LEU A 475 10.70 30.64 12.17
C LEU A 475 9.98 30.69 13.51
N THR A 476 8.91 31.48 13.61
CA THR A 476 8.14 31.53 14.85
C THR A 476 7.58 30.15 15.20
N LEU A 477 6.94 29.50 14.23
CA LEU A 477 6.45 28.14 14.43
C LEU A 477 7.58 27.20 14.85
N LEU A 478 8.68 27.18 14.10
CA LEU A 478 9.80 26.28 14.42
C LEU A 478 10.39 26.59 15.79
N ARG A 479 10.52 27.89 16.09
CA ARG A 479 11.02 28.33 17.39
C ARG A 479 10.11 27.86 18.52
N ASN A 480 8.80 27.97 18.33
CA ASN A 480 7.85 27.61 19.40
C ASN A 480 7.87 26.12 19.68
N TYR A 481 8.18 25.29 18.68
CA TYR A 481 8.19 23.87 18.92
C TYR A 481 9.60 23.37 19.24
N GLY A 482 10.54 24.29 19.44
CA GLY A 482 11.87 23.95 19.91
C GLY A 482 12.85 23.47 18.86
N PHE A 483 12.48 23.55 17.59
CA PHE A 483 13.35 23.07 16.50
C PHE A 483 14.47 24.04 16.13
N VAL A 484 14.30 25.34 16.38
CA VAL A 484 15.36 26.31 16.22
C VAL A 484 15.47 27.09 17.52
N SER A 485 16.60 27.74 17.70
CA SER A 485 16.93 28.29 19.01
C SER A 485 16.15 29.56 19.31
N SER A 486 16.01 29.84 20.61
CA SER A 486 15.34 31.06 21.01
C SER A 486 16.11 32.30 20.57
N THR A 487 17.46 32.25 20.53
CA THR A 487 18.20 33.35 19.91
C THR A 487 18.03 33.20 18.40
N ARG A 488 17.73 34.30 17.72
CA ARG A 488 17.36 34.20 16.32
C ARG A 488 18.55 33.93 15.41
N HIS A 489 19.76 34.34 15.79
CA HIS A 489 20.90 34.13 14.93
C HIS A 489 22.18 34.13 15.74
N ARG A 490 23.21 33.51 15.17
CA ARG A 490 24.50 33.46 15.83
C ARG A 490 25.57 33.55 14.77
N LEU A 491 26.67 34.19 15.13
CA LEU A 491 27.81 34.30 14.23
C LEU A 491 28.30 32.91 13.86
N GLY A 492 28.61 32.73 12.58
CA GLY A 492 29.12 31.49 12.04
C GLY A 492 28.09 30.42 11.82
N VAL A 493 26.83 30.71 12.06
CA VAL A 493 25.82 29.66 12.08
C VAL A 493 24.61 30.10 11.27
N GLY A 494 24.18 31.35 11.47
CA GLY A 494 22.88 31.76 10.94
C GLY A 494 21.78 31.38 11.91
N ILE A 495 20.72 30.73 11.41
CA ILE A 495 19.67 30.19 12.26
C ILE A 495 20.17 28.92 12.95
N PRO A 496 20.23 28.88 14.29
CA PRO A 496 20.76 27.70 15.00
C PRO A 496 19.67 26.64 15.18
N ILE A 497 19.85 25.51 14.50
CA ILE A 497 18.87 24.43 14.41
C ILE A 497 19.17 23.40 15.50
N ASP A 498 18.11 22.95 16.20
CA ASP A 498 18.25 21.92 17.23
C ASP A 498 17.93 20.55 16.65
N TRP A 499 18.92 19.94 16.01
CA TRP A 499 18.66 18.66 15.36
C TRP A 499 18.27 17.57 16.36
N GLU A 500 18.68 17.69 17.63
CA GLU A 500 18.23 16.71 18.61
C GLU A 500 16.70 16.71 18.74
N GLN A 501 16.11 17.92 18.78
CA GLN A 501 14.65 18.00 18.79
C GLN A 501 14.06 17.49 17.49
N VAL A 502 14.73 17.79 16.36
CA VAL A 502 14.24 17.30 15.07
C VAL A 502 14.24 15.78 15.04
N VAL A 503 15.22 15.12 15.70
CA VAL A 503 15.21 13.66 15.70
C VAL A 503 13.94 13.12 16.32
N GLN A 504 13.55 13.68 17.49
CA GLN A 504 12.37 13.17 18.18
C GLN A 504 11.13 13.27 17.31
N ALA A 505 10.95 14.41 16.64
CA ALA A 505 9.78 14.57 15.76
C ALA A 505 9.80 13.59 14.60
N LEU A 506 10.97 13.35 13.99
CA LEU A 506 11.02 12.43 12.86
C LEU A 506 10.67 11.00 13.24
N ASN A 507 10.99 10.58 14.46
CA ASN A 507 10.83 9.20 14.89
C ASN A 507 9.39 8.87 15.29
N VAL A 508 8.53 9.87 15.44
CA VAL A 508 7.24 9.69 16.10
C VAL A 508 6.31 8.78 15.31
N ASP A 509 6.26 8.95 13.98
CA ASP A 509 5.31 8.25 13.09
C ASP A 509 3.86 8.44 13.55
N LEU A 510 3.23 9.44 12.94
CA LEU A 510 1.91 9.93 13.25
C LEU A 510 0.81 8.88 13.28
N TYR B 3 -3.35 -16.28 6.46
CA TYR B 3 -4.15 -15.48 7.38
C TYR B 3 -5.61 -15.40 6.93
N ASP B 4 -6.29 -14.37 7.40
CA ASP B 4 -7.69 -14.16 6.99
C ASP B 4 -7.79 -13.67 5.56
N HIS B 5 -6.82 -12.87 5.11
CA HIS B 5 -6.92 -12.24 3.79
C HIS B 5 -6.93 -13.27 2.66
N ASN B 6 -6.09 -14.31 2.74
CA ASN B 6 -6.02 -15.26 1.63
C ASN B 6 -7.37 -15.96 1.42
N ALA B 7 -7.98 -16.43 2.51
CA ALA B 7 -9.26 -17.13 2.40
C ALA B 7 -10.36 -16.21 1.86
N GLU B 8 -10.38 -14.95 2.32
CA GLU B 8 -11.44 -14.03 1.89
C GLU B 8 -11.37 -13.75 0.39
N ALA B 9 -10.15 -13.60 -0.14
CA ALA B 9 -9.97 -13.47 -1.58
C ALA B 9 -10.47 -14.72 -2.30
N ASP B 10 -10.23 -15.91 -1.74
CA ASP B 10 -10.75 -17.11 -2.36
C ASP B 10 -12.28 -17.10 -2.34
N PHE B 11 -12.88 -16.65 -1.24
CA PHE B 11 -14.34 -16.60 -1.14
C PHE B 11 -14.92 -15.65 -2.16
N ALA B 12 -14.26 -14.51 -2.37
CA ALA B 12 -14.74 -13.54 -3.34
C ALA B 12 -14.54 -14.02 -4.76
N ALA B 13 -13.44 -14.73 -5.01
CA ALA B 13 -13.19 -15.28 -6.34
C ALA B 13 -14.24 -16.32 -6.71
N SER B 14 -14.65 -17.15 -5.75
CA SER B 14 -15.74 -18.08 -6.00
C SER B 14 -17.02 -17.33 -6.35
N GLU B 15 -17.31 -16.23 -5.65
CA GLU B 15 -18.54 -15.48 -5.92
C GLU B 15 -18.48 -14.79 -7.29
N VAL B 16 -17.30 -14.29 -7.68
CA VAL B 16 -17.17 -13.67 -9.00
C VAL B 16 -17.42 -14.71 -10.09
N ALA B 17 -16.85 -15.90 -9.94
CA ALA B 17 -17.07 -16.97 -10.92
C ALA B 17 -18.55 -17.32 -11.01
N ARG B 18 -19.26 -17.32 -9.87
CA ARG B 18 -20.71 -17.59 -9.89
C ARG B 18 -21.48 -16.47 -10.59
N MET B 19 -21.05 -15.21 -10.40
CA MET B 19 -21.76 -14.09 -11.00
C MET B 19 -21.64 -14.08 -12.53
N LEU B 20 -20.46 -14.44 -13.05
CA LEU B 20 -20.30 -14.50 -14.50
C LEU B 20 -21.10 -15.64 -15.11
N VAL B 21 -21.27 -16.74 -14.38
CA VAL B 21 -22.06 -17.85 -14.90
C VAL B 21 -23.52 -17.43 -14.94
N ALA B 22 -23.97 -16.73 -13.90
CA ALA B 22 -25.34 -16.22 -13.86
C ALA B 22 -25.56 -15.11 -14.88
N ASP B 23 -24.52 -14.32 -15.16
CA ASP B 23 -24.62 -13.20 -16.07
C ASP B 23 -23.35 -13.09 -16.89
N PRO B 24 -23.29 -13.73 -18.05
CA PRO B 24 -22.10 -13.60 -18.91
C PRO B 24 -21.91 -12.19 -19.48
N GLY B 25 -22.93 -11.33 -19.46
CA GLY B 25 -22.73 -9.95 -19.91
C GLY B 25 -21.80 -9.14 -19.04
N LEU B 26 -21.45 -9.64 -17.86
CA LEU B 26 -20.47 -8.97 -17.03
C LEU B 26 -19.10 -8.99 -17.67
N CYS B 27 -18.79 -10.01 -18.46
CA CYS B 27 -17.51 -10.09 -19.13
C CYS B 27 -17.62 -10.13 -20.65
N TYR B 28 -18.83 -10.06 -21.21
CA TYR B 28 -19.00 -10.06 -22.66
C TYR B 28 -19.90 -8.91 -23.07
N ASP B 29 -19.53 -8.24 -24.17
CA ASP B 29 -20.36 -7.21 -24.77
C ASP B 29 -21.66 -7.82 -25.29
N ALA B 30 -22.63 -6.94 -25.57
CA ALA B 30 -23.91 -7.40 -26.12
C ALA B 30 -23.67 -8.24 -27.36
N ALA B 31 -22.85 -7.75 -28.26
CA ALA B 31 -22.35 -8.59 -29.35
C ALA B 31 -21.37 -9.60 -28.78
N SER B 32 -21.20 -10.71 -29.49
CA SER B 32 -20.31 -11.79 -29.10
C SER B 32 -20.73 -12.45 -27.77
N LEU B 33 -22.00 -12.35 -27.37
CA LEU B 33 -22.46 -13.11 -26.21
C LEU B 33 -22.47 -14.59 -26.57
N PRO B 34 -21.81 -15.45 -25.80
CA PRO B 34 -21.71 -16.85 -26.20
C PRO B 34 -22.90 -17.68 -25.74
N ALA B 35 -23.02 -18.85 -26.36
CA ALA B 35 -24.13 -19.74 -26.05
C ALA B 35 -24.09 -20.19 -24.60
N SER B 36 -22.93 -20.66 -24.16
CA SER B 36 -22.78 -21.14 -22.79
C SER B 36 -21.36 -20.86 -22.35
N ILE B 37 -21.21 -20.32 -21.15
CA ILE B 37 -19.90 -20.12 -20.57
C ILE B 37 -19.89 -20.75 -19.19
N SER B 38 -18.76 -21.30 -18.80
CA SER B 38 -18.56 -21.77 -17.45
C SER B 38 -17.38 -21.01 -16.87
N ALA B 39 -17.39 -20.82 -15.56
CA ALA B 39 -16.33 -20.10 -14.87
C ALA B 39 -15.96 -20.85 -13.60
N SER B 40 -14.68 -20.80 -13.26
CA SER B 40 -14.14 -21.47 -12.09
C SER B 40 -12.93 -20.68 -11.61
N ALA B 41 -12.73 -20.65 -10.30
CA ALA B 41 -11.65 -19.87 -9.72
C ALA B 41 -10.47 -20.75 -9.34
N SER B 42 -9.28 -20.20 -9.43
CA SER B 42 -8.08 -20.96 -9.12
C SER B 42 -7.01 -20.03 -8.58
N TYR B 43 -5.98 -20.60 -7.98
CA TYR B 43 -4.84 -19.76 -7.65
C TYR B 43 -4.07 -19.43 -8.92
N GLU B 44 -3.19 -18.44 -8.83
CA GLU B 44 -2.36 -18.09 -9.97
C GLU B 44 -1.07 -18.89 -9.91
N PRO B 45 -0.68 -19.57 -10.98
CA PRO B 45 0.55 -20.38 -10.91
C PRO B 45 1.76 -19.46 -10.74
N SER B 46 2.70 -19.92 -9.91
CA SER B 46 3.89 -19.12 -9.62
C SER B 46 4.70 -18.81 -10.88
N ALA B 47 4.63 -19.67 -11.90
CA ALA B 47 5.34 -19.40 -13.16
C ALA B 47 4.82 -18.16 -13.87
N ALA B 48 3.69 -17.59 -13.47
CA ALA B 48 3.27 -16.35 -14.10
C ALA B 48 4.12 -15.21 -13.54
N GLY B 49 3.95 -14.02 -14.08
CA GLY B 49 4.87 -12.92 -13.85
C GLY B 49 5.03 -12.45 -12.40
N TRP B 50 5.84 -11.41 -12.17
CA TRP B 50 5.98 -10.96 -10.79
C TRP B 50 4.67 -10.50 -10.21
N PRO B 51 3.96 -9.46 -10.77
CA PRO B 51 2.79 -8.94 -10.03
C PRO B 51 1.80 -10.08 -9.87
N LYS B 52 1.71 -10.63 -8.67
CA LYS B 52 0.88 -11.79 -8.38
C LYS B 52 -0.56 -11.37 -8.08
N ALA B 53 -1.51 -12.07 -8.69
CA ALA B 53 -2.93 -11.84 -8.47
C ALA B 53 -3.41 -12.57 -7.22
N ASP B 54 -4.49 -12.07 -6.65
CA ASP B 54 -5.11 -12.78 -5.55
C ASP B 54 -5.77 -14.07 -6.04
N GLY B 55 -6.16 -14.11 -7.30
CA GLY B 55 -6.75 -15.31 -7.84
C GLY B 55 -6.94 -15.17 -9.33
N LEU B 56 -7.37 -16.25 -9.95
CA LEU B 56 -7.71 -16.27 -11.36
C LEU B 56 -9.09 -16.85 -11.48
N VAL B 57 -9.91 -16.28 -12.35
CA VAL B 57 -11.19 -16.87 -12.72
C VAL B 57 -11.14 -17.20 -14.20
N SER B 58 -11.35 -18.48 -14.54
CA SER B 58 -11.31 -18.95 -15.92
C SER B 58 -12.70 -19.02 -16.50
N VAL B 59 -12.89 -18.42 -17.67
CA VAL B 59 -14.15 -18.47 -18.40
C VAL B 59 -13.92 -19.39 -19.59
N LEU B 60 -14.72 -20.44 -19.68
CA LEU B 60 -14.65 -21.38 -20.78
C LEU B 60 -15.88 -21.20 -21.65
N GLU B 61 -15.71 -21.28 -22.96
CA GLU B 61 -16.86 -21.16 -23.84
C GLU B 61 -17.26 -22.54 -24.32
N GLY B 62 -18.56 -22.70 -24.59
CA GLY B 62 -19.09 -23.91 -25.19
C GLY B 62 -18.45 -24.25 -26.51
N GLY B 63 -18.04 -25.50 -26.69
CA GLY B 63 -17.51 -25.97 -27.95
C GLY B 63 -16.06 -25.63 -28.20
N THR B 64 -15.51 -24.64 -27.51
CA THR B 64 -14.12 -24.29 -27.75
C THR B 64 -13.21 -25.07 -26.80
N SER B 65 -11.90 -24.99 -27.05
CA SER B 65 -10.89 -25.62 -26.21
C SER B 65 -10.00 -24.56 -25.57
N THR B 66 -10.43 -23.30 -25.63
CA THR B 66 -9.71 -22.15 -25.14
C THR B 66 -10.42 -21.54 -23.94
N GLN B 67 -9.66 -20.82 -23.12
CA GLN B 67 -10.20 -20.12 -21.96
C GLN B 67 -9.78 -18.66 -22.01
N ARG B 68 -10.61 -17.80 -21.42
CA ARG B 68 -10.27 -16.40 -21.16
C ARG B 68 -10.13 -16.29 -19.65
N ALA B 69 -9.00 -15.76 -19.19
CA ALA B 69 -8.62 -15.76 -17.78
C ALA B 69 -8.69 -14.35 -17.23
N ILE B 70 -9.30 -14.20 -16.05
CA ILE B 70 -9.44 -12.91 -15.37
C ILE B 70 -8.63 -12.96 -14.08
N ALA B 71 -7.70 -12.01 -13.94
CA ALA B 71 -6.91 -11.92 -12.72
C ALA B 71 -7.69 -11.09 -11.70
N LEU B 72 -7.72 -11.56 -10.47
CA LEU B 72 -8.56 -10.98 -9.45
C LEU B 72 -7.68 -10.28 -8.44
N GLU B 73 -8.03 -9.03 -8.09
CA GLU B 73 -7.37 -8.35 -6.98
C GLU B 73 -8.42 -8.04 -5.93
N TYR B 74 -8.14 -8.46 -4.71
CA TYR B 74 -9.06 -8.35 -3.59
C TYR B 74 -8.47 -7.39 -2.57
N LYS B 75 -9.30 -6.47 -2.09
CA LYS B 75 -8.88 -5.47 -1.11
C LYS B 75 -9.76 -5.60 0.13
N ARG B 76 -9.17 -5.40 1.30
CA ARG B 76 -9.88 -5.39 2.56
C ARG B 76 -9.97 -3.98 3.13
N PRO B 77 -10.96 -3.70 4.00
CA PRO B 77 -11.04 -2.34 4.57
C PRO B 77 -9.82 -1.99 5.40
N GLN B 78 -9.24 -2.97 6.08
CA GLN B 78 -8.06 -2.74 6.90
C GLN B 78 -6.92 -2.10 6.11
N GLU B 79 -6.88 -2.32 4.79
CA GLU B 79 -5.93 -1.64 3.91
C GLU B 79 -6.30 -0.18 3.67
N GLY B 80 -7.55 0.21 3.93
CA GLY B 80 -7.93 1.60 3.78
C GLY B 80 -8.11 1.96 2.32
N ILE B 81 -8.57 3.20 2.09
CA ILE B 81 -8.84 3.67 0.74
C ILE B 81 -7.59 3.70 -0.14
N HIS B 82 -6.40 3.67 0.48
CA HIS B 82 -5.16 3.58 -0.30
C HIS B 82 -5.14 2.32 -1.15
N GLY B 83 -5.83 1.28 -0.68
CA GLY B 83 -5.93 0.03 -1.43
C GLY B 83 -6.60 0.19 -2.78
N LEU B 84 -7.47 1.19 -2.95
CA LEU B 84 -8.14 1.37 -4.24
C LEU B 84 -7.14 1.73 -5.32
N LEU B 85 -6.23 2.66 -5.03
CA LEU B 85 -5.25 3.07 -6.02
C LEU B 85 -4.22 1.97 -6.26
N THR B 86 -3.87 1.23 -5.21
CA THR B 86 -3.09 0.02 -5.43
C THR B 86 -3.79 -0.90 -6.41
N ALA B 87 -5.10 -1.10 -6.25
CA ALA B 87 -5.83 -2.07 -7.07
C ALA B 87 -5.85 -1.66 -8.53
N ILE B 88 -6.06 -0.38 -8.79
CA ILE B 88 -6.07 0.09 -10.18
C ILE B 88 -4.75 -0.21 -10.86
N GLY B 89 -3.64 0.08 -10.17
CA GLY B 89 -2.34 -0.22 -10.75
C GLY B 89 -2.11 -1.70 -10.93
N GLN B 90 -2.52 -2.48 -9.94
CA GLN B 90 -2.37 -3.92 -10.05
C GLN B 90 -3.19 -4.45 -11.23
N ALA B 91 -4.41 -3.94 -11.44
CA ALA B 91 -5.23 -4.41 -12.55
C ALA B 91 -4.55 -4.13 -13.88
N HIS B 92 -3.90 -2.97 -14.00
CA HIS B 92 -3.13 -2.68 -15.21
C HIS B 92 -1.92 -3.62 -15.31
N GLY B 93 -1.30 -3.96 -14.18
CA GLY B 93 -0.23 -4.93 -14.20
C GLY B 93 -0.69 -6.30 -14.67
N TYR B 94 -1.90 -6.71 -14.30
CA TYR B 94 -2.40 -8.01 -14.68
C TYR B 94 -2.69 -8.06 -16.18
N LEU B 95 -3.23 -6.99 -16.74
CA LEU B 95 -3.45 -6.94 -18.19
C LEU B 95 -2.12 -6.93 -18.93
N HIS B 96 -1.12 -6.23 -18.39
CA HIS B 96 0.19 -6.19 -19.04
C HIS B 96 0.84 -7.57 -19.07
N LYS B 97 0.59 -8.37 -18.04
CA LYS B 97 1.08 -9.73 -17.94
C LYS B 97 0.48 -10.65 -19.00
N GLY B 98 -0.61 -10.26 -19.63
CA GLY B 98 -1.22 -11.05 -20.68
C GLY B 98 -2.59 -11.62 -20.36
N TYR B 99 -3.20 -11.26 -19.22
CA TYR B 99 -4.52 -11.77 -18.90
C TYR B 99 -5.58 -11.06 -19.72
N SER B 100 -6.63 -11.80 -20.06
CA SER B 100 -7.69 -11.23 -20.86
C SER B 100 -8.49 -10.17 -20.10
N GLY B 101 -8.57 -10.28 -18.78
CA GLY B 101 -9.29 -9.29 -18.01
C GLY B 101 -8.76 -9.24 -16.60
N ALA B 102 -9.20 -8.22 -15.86
CA ALA B 102 -8.87 -8.12 -14.45
C ALA B 102 -10.11 -7.67 -13.69
N ALA B 103 -10.23 -8.15 -12.45
CA ALA B 103 -11.35 -7.80 -11.59
C ALA B 103 -10.83 -7.24 -10.28
N ILE B 104 -11.26 -6.03 -9.97
CA ILE B 104 -10.95 -5.39 -8.70
C ILE B 104 -12.15 -5.63 -7.79
N VAL B 105 -11.91 -6.24 -6.63
CA VAL B 105 -12.95 -6.53 -5.67
C VAL B 105 -12.62 -5.80 -4.37
N ILE B 106 -13.49 -4.86 -3.99
CA ILE B 106 -13.19 -3.90 -2.93
C ILE B 106 -14.43 -3.67 -2.06
N PRO B 107 -14.23 -3.23 -0.81
CA PRO B 107 -15.40 -2.97 0.07
C PRO B 107 -16.38 -1.98 -0.54
N GLY B 108 -17.67 -2.18 -0.24
CA GLY B 108 -18.71 -1.34 -0.79
C GLY B 108 -18.68 0.09 -0.26
N ARG B 109 -18.25 0.25 0.98
CA ARG B 109 -18.01 1.57 1.54
C ARG B 109 -16.87 1.49 2.53
N TYR B 110 -16.26 2.64 2.78
CA TYR B 110 -15.30 2.79 3.85
C TYR B 110 -15.83 3.83 4.81
N SER B 111 -15.21 3.88 5.99
CA SER B 111 -15.54 4.95 6.92
C SER B 111 -15.33 6.30 6.26
N SER B 112 -14.19 6.48 5.60
CA SER B 112 -13.87 7.74 4.95
C SER B 112 -14.79 8.01 3.77
N HIS B 113 -15.04 6.99 2.96
CA HIS B 113 -15.53 7.16 1.60
C HIS B 113 -16.86 6.45 1.41
N PRO B 114 -17.93 7.14 1.01
CA PRO B 114 -19.20 6.44 0.78
C PRO B 114 -19.21 5.60 -0.49
N THR B 115 -18.45 5.99 -1.52
CA THR B 115 -18.59 5.41 -2.86
C THR B 115 -17.25 4.93 -3.46
N PRO B 116 -16.53 4.01 -2.79
CA PRO B 116 -15.20 3.63 -3.30
C PRO B 116 -15.20 2.96 -4.67
N ALA B 117 -16.14 2.05 -4.91
CA ALA B 117 -16.22 1.36 -6.20
C ALA B 117 -16.63 2.31 -7.31
N GLU B 118 -17.51 3.27 -7.01
CA GLU B 118 -17.85 4.30 -7.98
C GLU B 118 -16.61 5.11 -8.35
N TYR B 119 -15.82 5.45 -7.33
CA TYR B 119 -14.58 6.18 -7.56
C TYR B 119 -13.63 5.39 -8.45
N VAL B 120 -13.43 4.10 -8.15
CA VAL B 120 -12.52 3.29 -8.97
C VAL B 120 -13.06 3.17 -10.40
N ARG B 121 -14.38 2.96 -10.53
CA ARG B 121 -14.98 2.92 -11.86
C ARG B 121 -14.76 4.24 -12.61
N ASP B 122 -14.93 5.38 -11.93
CA ASP B 122 -14.77 6.68 -12.60
C ASP B 122 -13.35 6.84 -13.15
N VAL B 123 -12.34 6.57 -12.32
CA VAL B 123 -10.95 6.74 -12.75
C VAL B 123 -10.67 5.85 -13.94
N LEU B 124 -11.11 4.59 -13.90
CA LEU B 124 -10.92 3.71 -15.03
C LEU B 124 -11.57 4.29 -16.27
N ASN B 125 -12.81 4.78 -16.14
CA ASN B 125 -13.53 5.34 -17.28
C ASN B 125 -12.85 6.60 -17.81
N ALA B 126 -12.47 7.50 -16.90
CA ALA B 126 -11.98 8.80 -17.31
C ALA B 126 -10.59 8.72 -17.94
N ILE B 127 -9.66 8.00 -17.30
CA ILE B 127 -8.24 8.13 -17.59
C ILE B 127 -7.68 6.87 -18.25
N SER B 128 -7.96 5.70 -17.67
CA SER B 128 -7.32 4.48 -18.15
C SER B 128 -7.78 4.12 -19.57
N GLY B 129 -9.08 4.17 -19.84
CA GLY B 129 -9.50 3.75 -21.16
C GLY B 129 -9.37 2.28 -21.43
N SER B 130 -9.11 1.46 -20.43
CA SER B 130 -9.08 0.02 -20.62
C SER B 130 -10.39 -0.56 -20.13
N ARG B 131 -11.13 -1.17 -21.05
CA ARG B 131 -12.44 -1.72 -20.80
C ARG B 131 -12.38 -3.17 -20.34
N ALA B 132 -11.18 -3.72 -20.17
CA ALA B 132 -10.99 -5.09 -19.75
C ALA B 132 -10.86 -5.24 -18.25
N ILE B 133 -11.11 -4.18 -17.49
CA ILE B 133 -10.96 -4.18 -16.04
C ILE B 133 -12.32 -3.98 -15.43
N ALA B 134 -12.75 -4.93 -14.62
CA ALA B 134 -14.05 -4.89 -13.98
C ALA B 134 -13.86 -4.49 -12.53
N VAL B 135 -14.92 -3.96 -11.94
CA VAL B 135 -14.92 -3.52 -10.56
C VAL B 135 -16.08 -4.20 -9.85
N PHE B 136 -15.81 -4.83 -8.70
CA PHE B 136 -16.84 -5.41 -7.89
C PHE B 136 -16.75 -4.84 -6.48
N SER B 137 -17.90 -4.63 -5.84
CA SER B 137 -17.94 -4.17 -4.45
C SER B 137 -18.69 -5.15 -3.57
N TYR B 138 -18.31 -5.23 -2.30
CA TYR B 138 -18.90 -6.21 -1.41
C TYR B 138 -19.26 -5.61 -0.04
N SER B 139 -20.37 -6.19 0.57
CA SER B 139 -20.73 -6.07 1.98
C SER B 139 -20.08 -7.20 2.78
N PRO B 140 -19.99 -7.09 4.11
CA PRO B 140 -19.16 -8.07 4.88
C PRO B 140 -19.60 -9.51 4.68
N PRO B 141 -18.66 -10.43 4.55
CA PRO B 141 -19.01 -11.81 4.23
C PRO B 141 -19.52 -12.54 5.46
N ASP B 142 -20.29 -13.60 5.18
CA ASP B 142 -20.83 -14.50 6.20
C ASP B 142 -19.93 -15.74 6.26
N THR B 143 -19.01 -15.76 7.22
CA THR B 143 -18.06 -16.86 7.30
C THR B 143 -18.65 -18.16 7.82
N THR B 144 -19.89 -18.17 8.31
CA THR B 144 -20.56 -19.43 8.59
C THR B 144 -21.00 -20.12 7.32
N SER B 145 -21.11 -19.41 6.21
CA SER B 145 -21.62 -20.05 5.02
C SER B 145 -20.55 -20.82 4.27
N PRO B 146 -20.92 -21.87 3.54
CA PRO B 146 -19.98 -22.38 2.53
C PRO B 146 -19.64 -21.34 1.48
N THR B 147 -20.54 -20.39 1.24
CA THR B 147 -20.35 -19.35 0.23
C THR B 147 -20.45 -17.99 0.92
N PRO B 148 -19.39 -17.56 1.62
CA PRO B 148 -19.51 -16.37 2.47
C PRO B 148 -19.90 -15.11 1.70
N PHE B 149 -19.58 -15.04 0.41
CA PHE B 149 -19.89 -13.85 -0.37
C PHE B 149 -21.10 -14.05 -1.25
N ALA B 150 -21.79 -15.18 -1.12
CA ALA B 150 -22.97 -15.40 -1.94
C ALA B 150 -23.97 -14.27 -1.72
N GLY B 151 -24.43 -13.68 -2.82
CA GLY B 151 -25.39 -12.58 -2.77
C GLY B 151 -24.88 -11.30 -2.17
N ARG B 152 -23.58 -11.20 -1.88
CA ARG B 152 -23.05 -10.02 -1.20
C ARG B 152 -22.07 -9.25 -2.06
N ILE B 153 -22.05 -9.49 -3.36
CA ILE B 153 -21.12 -8.82 -4.25
C ILE B 153 -21.88 -8.30 -5.45
N GLN B 154 -21.71 -7.03 -5.78
CA GLN B 154 -22.34 -6.47 -6.96
C GLN B 154 -21.29 -6.01 -7.95
N CYS B 155 -21.63 -6.07 -9.22
CA CYS B 155 -20.77 -5.59 -10.28
C CYS B 155 -21.05 -4.11 -10.49
N VAL B 156 -20.05 -3.27 -10.23
CA VAL B 156 -20.16 -1.83 -10.46
C VAL B 156 -19.66 -1.46 -11.85
N ARG B 157 -18.72 -2.22 -12.38
CA ARG B 157 -18.21 -2.00 -13.70
C ARG B 157 -17.96 -3.36 -14.33
N PRO B 158 -18.57 -3.67 -15.46
CA PRO B 158 -18.26 -4.90 -16.17
C PRO B 158 -16.94 -4.74 -16.91
N LEU B 159 -16.52 -5.80 -17.58
CA LEU B 159 -15.36 -5.80 -18.46
C LEU B 159 -15.76 -6.38 -19.80
N VAL B 160 -14.96 -6.07 -20.81
CA VAL B 160 -15.07 -6.76 -22.09
C VAL B 160 -13.69 -7.24 -22.48
N PHE B 161 -13.60 -8.48 -22.94
CA PHE B 161 -12.33 -9.07 -23.35
C PHE B 161 -11.83 -8.41 -24.63
N ASP B 162 -10.58 -7.93 -24.63
CA ASP B 162 -9.99 -7.25 -25.78
C ASP B 162 -10.10 -8.12 -27.02
N ALA B 163 -10.76 -7.57 -28.05
CA ALA B 163 -11.02 -8.33 -29.26
C ALA B 163 -9.76 -8.56 -30.10
N GLY B 164 -8.70 -7.79 -29.86
CA GLY B 164 -7.46 -7.93 -30.60
C GLY B 164 -6.61 -9.10 -30.15
N ARG B 165 -7.24 -10.16 -29.66
CA ARG B 165 -6.56 -11.35 -29.13
C ARG B 165 -6.73 -12.47 -30.15
N VAL B 166 -5.68 -12.72 -30.92
CA VAL B 166 -5.71 -13.76 -31.94
C VAL B 166 -5.40 -15.12 -31.34
N HIS B 167 -4.54 -15.18 -30.32
CA HIS B 167 -4.06 -16.42 -29.72
C HIS B 167 -4.69 -16.58 -28.34
N LEU B 168 -5.56 -17.58 -28.19
CA LEU B 168 -6.31 -17.76 -26.96
C LEU B 168 -5.66 -18.80 -26.06
N ARG B 169 -5.79 -18.57 -24.76
CA ARG B 169 -5.20 -19.46 -23.78
C ARG B 169 -5.83 -20.85 -23.87
N PRO B 170 -5.05 -21.91 -23.76
CA PRO B 170 -5.65 -23.26 -23.80
C PRO B 170 -6.40 -23.56 -22.51
N ALA B 171 -7.45 -24.37 -22.64
CA ALA B 171 -8.29 -24.63 -21.46
C ALA B 171 -7.63 -25.60 -20.50
N ASN B 172 -6.76 -26.48 -20.97
CA ASN B 172 -6.09 -27.39 -20.08
C ASN B 172 -4.88 -26.76 -19.39
N GLN B 173 -4.66 -25.46 -19.56
CA GLN B 173 -3.51 -24.80 -18.97
C GLN B 173 -3.91 -24.20 -17.63
N GLY B 174 -2.97 -24.19 -16.70
CA GLY B 174 -3.15 -23.53 -15.43
C GLY B 174 -3.76 -24.42 -14.37
N PRO B 175 -3.75 -23.93 -13.14
CA PRO B 175 -4.34 -24.68 -12.03
C PRO B 175 -5.84 -24.85 -12.20
N LYS B 176 -6.33 -25.95 -11.64
CA LYS B 176 -7.75 -26.27 -11.65
C LYS B 176 -8.38 -26.23 -10.25
N THR B 177 -7.64 -25.83 -9.22
CA THR B 177 -8.20 -25.68 -7.89
C THR B 177 -7.72 -24.36 -7.30
N GLN B 178 -8.43 -23.88 -6.28
CA GLN B 178 -7.96 -22.73 -5.53
C GLN B 178 -6.78 -23.08 -4.64
N TRP B 179 -6.69 -24.33 -4.20
CA TRP B 179 -5.58 -24.76 -3.35
C TRP B 179 -4.47 -25.36 -4.21
N VAL B 180 -3.24 -25.27 -3.69
CA VAL B 180 -2.06 -25.68 -4.46
C VAL B 180 -1.90 -27.20 -4.42
N HIS B 181 -1.69 -27.77 -5.59
CA HIS B 181 -1.33 -29.17 -5.74
C HIS B 181 0.18 -29.23 -5.81
N MET B 182 0.78 -29.95 -4.87
CA MET B 182 2.20 -30.22 -4.97
C MET B 182 2.41 -31.44 -5.85
N ARG B 183 3.40 -31.38 -6.75
CA ARG B 183 3.69 -32.56 -7.55
C ARG B 183 4.26 -33.58 -6.58
N GLU B 184 3.41 -34.53 -6.18
CA GLU B 184 3.67 -35.40 -5.03
C GLU B 184 4.47 -36.64 -5.45
N GLY B 185 5.72 -36.41 -5.85
CA GLY B 185 6.59 -37.53 -6.13
C GLY B 185 8.09 -37.28 -6.13
N SER B 186 8.52 -36.16 -6.70
CA SER B 186 9.94 -35.92 -6.94
C SER B 186 10.59 -35.09 -5.84
N THR B 187 9.90 -34.08 -5.33
CA THR B 187 10.49 -33.21 -4.34
C THR B 187 10.13 -33.70 -2.95
N THR B 188 10.88 -33.23 -1.95
CA THR B 188 10.67 -33.56 -0.56
C THR B 188 10.95 -32.33 0.30
N ARG B 189 10.62 -32.42 1.58
CA ARG B 189 10.96 -31.35 2.50
C ARG B 189 12.47 -31.17 2.57
N ASP B 190 13.20 -32.30 2.61
CA ASP B 190 14.66 -32.29 2.71
C ASP B 190 15.30 -31.63 1.49
N ALA B 191 14.72 -31.85 0.31
CA ALA B 191 15.23 -31.23 -0.91
C ALA B 191 15.07 -29.71 -0.89
N PHE B 192 13.90 -29.21 -0.48
CA PHE B 192 13.77 -27.76 -0.34
C PHE B 192 14.81 -27.22 0.63
N PHE B 193 15.05 -27.95 1.71
CA PHE B 193 16.01 -27.51 2.71
C PHE B 193 17.42 -27.43 2.13
N ARG B 194 17.86 -28.50 1.48
CA ARG B 194 19.22 -28.53 0.96
C ARG B 194 19.42 -27.50 -0.16
N PHE B 195 18.41 -27.34 -1.03
CA PHE B 195 18.54 -26.37 -2.12
C PHE B 195 18.67 -24.96 -1.60
N LEU B 196 17.89 -24.61 -0.57
CA LEU B 196 18.05 -23.32 0.05
C LEU B 196 19.43 -23.20 0.70
N GLN B 197 19.92 -24.30 1.28
CA GLN B 197 21.25 -24.31 1.90
C GLN B 197 22.33 -24.04 0.86
N VAL B 198 22.21 -24.68 -0.30
CA VAL B 198 23.19 -24.43 -1.36
C VAL B 198 23.12 -22.98 -1.81
N ALA B 199 21.91 -22.41 -1.90
CA ALA B 199 21.78 -21.01 -2.31
C ALA B 199 22.35 -20.07 -1.25
N LYS B 200 22.23 -20.42 0.03
CA LYS B 200 22.90 -19.63 1.07
C LYS B 200 24.42 -19.80 0.98
N ARG B 201 24.90 -21.02 0.68
CA ARG B 201 26.35 -21.24 0.53
C ARG B 201 26.90 -20.42 -0.63
N LEU B 202 26.27 -20.51 -1.80
CA LEU B 202 26.77 -19.81 -2.97
C LEU B 202 26.69 -18.29 -2.84
N SER B 203 25.67 -17.76 -2.15
CA SER B 203 25.59 -16.30 -1.95
C SER B 203 26.79 -15.79 -1.15
N ALA B 204 27.30 -16.60 -0.22
CA ALA B 204 28.47 -16.26 0.62
C ALA B 204 29.81 -16.49 -0.09
N ASP B 205 29.91 -17.45 -1.02
CA ASP B 205 31.17 -17.73 -1.73
C ASP B 205 30.92 -17.89 -3.23
N PRO B 206 30.64 -16.80 -3.95
CA PRO B 206 30.38 -16.93 -5.40
C PRO B 206 31.56 -17.49 -6.18
N THR B 207 32.77 -17.41 -5.63
CA THR B 207 33.92 -17.96 -6.31
C THR B 207 34.03 -19.48 -6.13
N ALA B 208 32.94 -20.13 -5.72
CA ALA B 208 33.03 -21.53 -5.32
C ALA B 208 33.44 -22.39 -6.51
N PRO B 209 34.39 -23.32 -6.35
CA PRO B 209 34.80 -24.14 -7.49
C PRO B 209 33.73 -25.16 -7.85
N ARG B 210 33.52 -25.34 -9.15
CA ARG B 210 32.59 -26.35 -9.63
C ARG B 210 32.99 -27.73 -9.14
N PRO B 211 32.02 -28.62 -8.96
CA PRO B 211 32.34 -29.97 -8.47
C PRO B 211 32.86 -30.83 -9.61
N THR B 212 33.62 -31.85 -9.24
CA THR B 212 34.36 -32.67 -10.18
C THR B 212 33.68 -34.02 -10.35
N LEU B 213 33.42 -34.38 -11.60
CA LEU B 213 32.82 -35.66 -11.95
C LEU B 213 33.87 -36.76 -12.00
N ARG B 214 33.41 -38.00 -11.85
CA ARG B 214 34.33 -39.12 -11.96
C ARG B 214 34.87 -39.21 -13.38
N SER B 215 36.07 -39.78 -13.50
CA SER B 215 36.77 -39.75 -14.78
C SER B 215 35.96 -40.50 -15.83
N GLU B 216 35.37 -41.63 -15.46
CA GLU B 216 34.54 -42.39 -16.40
C GLU B 216 33.33 -41.57 -16.86
N LEU B 217 32.70 -40.84 -15.94
CA LEU B 217 31.59 -39.98 -16.33
C LEU B 217 32.07 -38.84 -17.23
N VAL B 218 33.13 -38.14 -16.82
CA VAL B 218 33.64 -37.04 -17.61
C VAL B 218 34.10 -37.52 -18.99
N ALA B 219 34.70 -38.72 -19.04
CA ALA B 219 35.06 -39.30 -20.33
C ALA B 219 33.82 -39.57 -21.18
N ALA B 220 32.75 -40.10 -20.57
CA ALA B 220 31.55 -40.42 -21.35
C ALA B 220 30.91 -39.15 -21.92
N ILE B 221 30.87 -38.07 -21.13
CA ILE B 221 30.31 -36.81 -21.62
C ILE B 221 31.05 -36.33 -22.87
N GLY B 222 32.37 -36.55 -22.90
CA GLY B 222 33.16 -36.19 -24.06
C GLY B 222 32.68 -36.79 -25.35
N ARG B 223 32.13 -38.02 -25.30
CA ARG B 223 31.61 -38.66 -26.51
C ARG B 223 30.26 -38.08 -26.94
N LEU B 224 29.28 -37.98 -26.02
CA LEU B 224 27.96 -37.51 -26.44
C LEU B 224 27.96 -36.02 -26.76
N ALA B 225 28.61 -35.19 -25.97
CA ALA B 225 28.63 -33.76 -26.20
C ALA B 225 30.07 -33.28 -26.24
N PRO B 226 30.77 -33.51 -27.36
CA PRO B 226 32.23 -33.23 -27.41
C PRO B 226 32.62 -31.82 -27.03
N GLY B 227 31.81 -30.82 -27.36
CA GLY B 227 32.12 -29.44 -27.02
C GLY B 227 31.53 -28.98 -25.71
N ARG B 228 30.45 -29.61 -25.28
CA ARG B 228 29.71 -29.13 -24.12
C ARG B 228 30.53 -29.30 -22.85
N ASP B 229 30.38 -28.35 -21.94
CA ASP B 229 30.94 -28.47 -20.59
C ASP B 229 30.25 -29.60 -19.85
N PRO B 230 31.00 -30.57 -19.31
CA PRO B 230 30.35 -31.77 -18.75
C PRO B 230 29.40 -31.45 -17.60
N ILE B 231 29.70 -30.45 -16.76
CA ILE B 231 28.77 -30.11 -15.69
C ILE B 231 27.47 -29.55 -16.26
N GLU B 232 27.57 -28.62 -17.20
CA GLU B 232 26.36 -28.11 -17.84
C GLU B 232 25.59 -29.24 -18.49
N TYR B 233 26.30 -30.24 -19.00
CA TYR B 233 25.63 -31.35 -19.68
C TYR B 233 24.81 -32.19 -18.70
N ILE B 234 25.44 -32.68 -17.62
CA ILE B 234 24.71 -33.60 -16.75
C ILE B 234 23.74 -32.88 -15.81
N THR B 235 23.92 -31.58 -15.58
CA THR B 235 22.91 -30.84 -14.83
C THR B 235 21.89 -30.20 -15.76
N ASN B 236 22.09 -30.33 -17.08
CA ASN B 236 21.17 -29.84 -18.10
C ASN B 236 20.91 -28.34 -17.89
N THR B 237 21.98 -27.58 -17.83
CA THR B 237 21.93 -26.13 -17.72
C THR B 237 22.70 -25.51 -18.88
N ALA B 238 22.29 -24.30 -19.27
CA ALA B 238 22.98 -23.54 -20.29
C ALA B 238 23.39 -22.15 -19.84
N ASP B 239 22.59 -21.50 -18.99
CA ASP B 239 22.94 -20.17 -18.49
C ASP B 239 24.01 -20.28 -17.41
N ASN B 240 24.52 -19.13 -16.99
CA ASN B 240 25.37 -19.05 -15.80
C ASN B 240 24.73 -18.18 -14.73
N LYS B 241 23.40 -17.98 -14.80
CA LYS B 241 22.69 -17.18 -13.82
C LYS B 241 22.77 -17.82 -12.43
N PHE B 242 22.44 -17.03 -11.40
CA PHE B 242 22.55 -17.53 -10.03
C PHE B 242 21.74 -18.79 -9.82
N LEU B 243 20.48 -18.78 -10.27
CA LEU B 243 19.59 -19.90 -10.02
C LEU B 243 20.11 -21.17 -10.68
N THR B 244 20.66 -21.05 -11.89
CA THR B 244 21.15 -22.27 -12.54
C THR B 244 22.39 -22.80 -11.85
N LYS B 245 23.26 -21.92 -11.35
CA LYS B 245 24.45 -22.39 -10.65
C LYS B 245 24.12 -23.10 -9.34
N VAL B 246 23.21 -22.54 -8.54
CA VAL B 246 22.78 -23.23 -7.32
C VAL B 246 22.17 -24.58 -7.68
N TRP B 247 21.44 -24.64 -8.79
CA TRP B 247 20.91 -25.92 -9.23
C TRP B 247 22.05 -26.89 -9.45
N GLN B 248 23.14 -26.42 -10.06
CA GLN B 248 24.24 -27.32 -10.40
C GLN B 248 24.86 -27.91 -9.15
N PHE B 249 25.13 -27.07 -8.14
CA PHE B 249 25.74 -27.57 -6.92
C PHE B 249 24.79 -28.49 -6.17
N PHE B 250 23.52 -28.07 -6.06
CA PHE B 250 22.52 -28.88 -5.39
C PHE B 250 22.40 -30.26 -6.05
N TRP B 251 22.31 -30.27 -7.38
CA TRP B 251 22.11 -31.52 -8.10
C TRP B 251 23.30 -32.45 -7.90
N LEU B 252 24.51 -31.94 -8.08
CA LEU B 252 25.68 -32.79 -7.98
C LEU B 252 26.05 -33.11 -6.54
N GLU B 253 25.77 -32.21 -5.59
CA GLU B 253 26.07 -32.49 -4.19
C GLU B 253 25.07 -33.44 -3.55
N TRP B 254 23.77 -33.29 -3.86
CA TRP B 254 22.72 -33.90 -3.04
C TRP B 254 21.96 -35.03 -3.71
N LEU B 255 21.71 -34.96 -5.01
CA LEU B 255 20.91 -35.97 -5.68
C LEU B 255 21.76 -36.86 -6.58
N ALA B 256 22.33 -36.28 -7.64
CA ALA B 256 23.22 -37.03 -8.52
C ALA B 256 24.64 -36.96 -7.93
N THR B 257 24.80 -37.62 -6.79
CA THR B 257 26.09 -37.64 -6.12
C THR B 257 27.01 -38.55 -6.90
N PRO B 258 28.31 -38.50 -6.64
CA PRO B 258 29.22 -39.44 -7.30
C PRO B 258 28.76 -40.89 -7.19
N ALA B 259 28.31 -41.32 -6.00
CA ALA B 259 27.88 -42.70 -5.84
C ALA B 259 26.61 -42.99 -6.64
N VAL B 260 25.65 -42.05 -6.61
CA VAL B 260 24.42 -42.25 -7.39
C VAL B 260 24.72 -42.22 -8.88
N LEU B 261 25.68 -41.41 -9.30
CA LEU B 261 26.00 -41.39 -10.71
C LEU B 261 26.72 -42.67 -11.17
N THR B 262 27.03 -43.59 -10.24
CA THR B 262 27.63 -44.88 -10.57
C THR B 262 26.55 -45.78 -11.16
N PRO B 263 26.63 -46.09 -12.46
CA PRO B 263 25.57 -46.86 -13.12
C PRO B 263 25.55 -48.34 -12.76
N TRP B 264 26.70 -49.00 -12.73
CA TRP B 264 26.74 -50.43 -12.45
C TRP B 264 27.92 -50.74 -11.52
N LYS B 265 27.84 -51.91 -10.88
CA LYS B 265 28.90 -52.46 -10.05
C LYS B 265 29.56 -53.66 -10.71
N SER B 272 24.98 -55.79 -13.20
CA SER B 272 24.59 -55.59 -11.79
C SER B 272 24.19 -54.12 -11.46
N ALA B 273 23.15 -53.94 -10.62
CA ALA B 273 22.77 -52.60 -10.12
C ALA B 273 23.51 -52.25 -8.83
N PRO B 274 24.05 -51.03 -8.70
CA PRO B 274 24.87 -50.71 -7.52
C PRO B 274 24.08 -50.58 -6.23
N GLY B 275 22.79 -50.29 -6.29
CA GLY B 275 22.04 -50.04 -5.07
C GLY B 275 22.39 -48.75 -4.36
N ALA B 276 22.71 -47.70 -5.11
CA ALA B 276 23.09 -46.43 -4.52
C ALA B 276 21.88 -45.72 -3.92
N ARG B 277 22.14 -44.94 -2.87
CA ARG B 277 21.14 -44.07 -2.28
C ARG B 277 21.67 -42.65 -2.31
N THR B 278 20.78 -41.68 -2.53
CA THR B 278 21.18 -40.29 -2.56
C THR B 278 21.44 -39.81 -1.14
N ARG B 279 21.60 -38.49 -0.99
CA ARG B 279 21.78 -37.87 0.31
C ARG B 279 20.55 -37.09 0.74
N ILE B 280 19.40 -37.31 0.10
CA ILE B 280 18.18 -36.58 0.39
C ILE B 280 17.21 -37.53 1.09
N LEU B 281 16.85 -37.21 2.32
CA LEU B 281 15.93 -38.06 3.08
C LEU B 281 14.55 -38.05 2.46
N ARG B 282 13.92 -39.22 2.45
CA ARG B 282 12.48 -39.27 2.22
C ARG B 282 11.77 -38.58 3.37
N GLU B 283 10.57 -38.07 3.11
CA GLU B 283 9.84 -37.38 4.17
C GLU B 283 9.51 -38.33 5.32
N ASP B 284 9.37 -39.63 5.03
CA ASP B 284 9.08 -40.63 6.05
C ASP B 284 10.29 -41.02 6.88
N GLY B 285 11.49 -40.54 6.52
CA GLY B 285 12.66 -40.75 7.33
C GLY B 285 13.24 -42.15 7.28
N THR B 286 12.63 -43.09 6.55
CA THR B 286 13.08 -44.47 6.56
C THR B 286 14.47 -44.61 5.95
N ASP B 287 14.70 -43.97 4.80
CA ASP B 287 15.99 -44.05 4.13
C ASP B 287 16.14 -42.81 3.26
N PHE B 288 17.26 -42.72 2.58
CA PHE B 288 17.42 -41.70 1.56
C PHE B 288 16.76 -42.13 0.25
N SER B 289 16.39 -41.14 -0.56
CA SER B 289 15.68 -41.47 -1.78
C SER B 289 16.65 -42.12 -2.79
N GLN B 290 16.08 -42.57 -3.90
CA GLN B 290 16.84 -43.26 -4.93
C GLN B 290 16.59 -42.58 -6.26
N LEU B 291 17.63 -42.53 -7.10
CA LEU B 291 17.50 -41.97 -8.44
C LEU B 291 17.92 -43.02 -9.45
N TRP B 292 17.07 -43.23 -10.47
CA TRP B 292 17.28 -44.04 -11.66
C TRP B 292 17.38 -45.55 -11.40
N GLU B 293 17.23 -46.01 -10.17
CA GLU B 293 17.37 -47.44 -9.89
C GLU B 293 16.44 -47.82 -8.74
N GLY B 294 16.38 -49.12 -8.45
CA GLY B 294 15.59 -49.65 -7.35
C GLY B 294 14.64 -50.74 -7.79
N ARG B 295 13.95 -50.54 -8.91
CA ARG B 295 13.09 -51.58 -9.47
C ARG B 295 13.82 -52.21 -10.64
N VAL B 296 13.21 -52.14 -11.83
CA VAL B 296 13.89 -52.39 -13.09
C VAL B 296 13.82 -51.05 -13.84
N ASN B 297 14.74 -50.13 -13.52
CA ASN B 297 14.61 -48.75 -13.96
C ASN B 297 15.66 -48.40 -15.01
N SER B 298 16.61 -47.54 -14.69
CA SER B 298 17.71 -47.26 -15.61
C SER B 298 18.91 -48.16 -15.31
N LEU B 299 19.41 -48.13 -14.06
CA LEU B 299 20.61 -48.88 -13.73
C LEU B 299 20.37 -50.39 -13.82
N LYS B 300 19.24 -50.87 -13.27
CA LYS B 300 18.95 -52.30 -13.30
C LYS B 300 18.64 -52.79 -14.71
N GLU B 301 17.86 -52.02 -15.48
CA GLU B 301 17.56 -52.40 -16.86
C GLU B 301 18.81 -52.35 -17.75
N THR B 302 19.68 -51.35 -17.58
CA THR B 302 20.92 -51.31 -18.33
C THR B 302 21.83 -52.48 -17.96
N ILE B 303 21.76 -52.94 -16.70
CA ILE B 303 22.50 -54.14 -16.33
C ILE B 303 21.98 -55.32 -17.11
N ALA B 304 20.65 -55.43 -17.21
CA ALA B 304 20.04 -56.47 -18.05
C ALA B 304 20.31 -56.21 -19.52
N GLY B 305 20.36 -54.94 -19.93
CA GLY B 305 20.67 -54.58 -21.30
C GLY B 305 22.05 -54.98 -21.74
N MET B 306 22.95 -55.22 -20.78
CA MET B 306 24.29 -55.69 -21.08
C MET B 306 24.39 -57.21 -21.19
N LEU B 307 23.25 -57.93 -21.25
CA LEU B 307 23.32 -59.36 -21.56
C LEU B 307 23.94 -59.58 -22.93
N ASN B 308 23.53 -58.76 -23.91
CA ASN B 308 24.03 -58.82 -25.27
C ASN B 308 25.54 -58.60 -25.34
N ILE B 312 23.78 -54.55 -26.11
CA ILE B 312 24.48 -53.27 -25.93
C ILE B 312 25.87 -53.52 -25.35
N SER B 313 26.79 -52.62 -25.67
CA SER B 313 28.13 -52.60 -25.12
C SER B 313 28.15 -51.97 -23.73
N GLU B 314 29.32 -52.07 -23.08
CA GLU B 314 29.54 -51.33 -21.82
C GLU B 314 29.55 -49.82 -22.06
N ALA B 315 30.20 -49.38 -23.15
CA ALA B 315 30.20 -47.96 -23.49
C ALA B 315 28.81 -47.45 -23.86
N GLN B 316 28.03 -48.28 -24.57
CA GLN B 316 26.68 -47.89 -24.95
C GLN B 316 25.77 -47.69 -23.74
N GLY B 317 26.12 -48.29 -22.61
CA GLY B 317 25.32 -48.11 -21.40
C GLY B 317 25.30 -46.66 -20.94
N TRP B 318 26.45 -45.97 -21.06
CA TRP B 318 26.52 -44.55 -20.70
C TRP B 318 25.56 -43.71 -21.54
N GLU B 319 25.43 -44.02 -22.83
CA GLU B 319 24.43 -43.35 -23.65
C GLU B 319 23.02 -43.59 -23.10
N ALA B 320 22.75 -44.81 -22.63
CA ALA B 320 21.46 -45.10 -22.01
C ALA B 320 21.28 -44.33 -20.71
N PHE B 321 22.31 -44.30 -19.86
CA PHE B 321 22.21 -43.60 -18.59
C PHE B 321 21.86 -42.13 -18.80
N VAL B 322 22.68 -41.41 -19.58
CA VAL B 322 22.45 -39.98 -19.82
C VAL B 322 21.22 -39.76 -20.69
N ASP B 333 10.65 -45.30 -22.42
CA ASP B 333 10.16 -44.08 -21.79
C ASP B 333 10.66 -43.94 -20.35
N LYS B 334 11.95 -44.21 -20.16
CA LYS B 334 12.61 -44.13 -18.86
C LYS B 334 13.59 -42.97 -18.87
N GLN B 335 13.36 -41.98 -18.02
CA GLN B 335 14.16 -40.76 -18.06
C GLN B 335 15.61 -41.03 -17.64
N GLY B 336 16.54 -40.42 -18.38
CA GLY B 336 17.95 -40.49 -18.07
C GLY B 336 18.37 -39.38 -17.15
N VAL B 337 19.69 -39.28 -16.95
CA VAL B 337 20.24 -38.28 -16.04
C VAL B 337 19.87 -36.87 -16.50
N ARG B 338 20.09 -36.57 -17.79
CA ARG B 338 19.78 -35.25 -18.31
C ARG B 338 18.28 -34.96 -18.23
N ALA B 339 17.46 -35.93 -18.63
CA ALA B 339 16.00 -35.71 -18.65
C ALA B 339 15.42 -35.54 -17.25
N ARG B 340 15.90 -36.34 -16.29
CA ARG B 340 15.43 -36.19 -14.91
C ARG B 340 15.93 -34.89 -14.31
N ALA B 341 17.18 -34.50 -14.61
CA ALA B 341 17.70 -33.25 -14.09
C ALA B 341 16.85 -32.07 -14.55
N HIS B 342 16.42 -32.07 -15.81
CA HIS B 342 15.60 -30.96 -16.28
C HIS B 342 14.21 -30.95 -15.64
N SER B 343 13.54 -32.12 -15.53
CA SER B 343 12.20 -32.12 -14.95
C SER B 343 12.25 -31.85 -13.44
N TYR B 344 13.21 -32.44 -12.74
CA TYR B 344 13.34 -32.21 -11.31
C TYR B 344 13.65 -30.75 -11.01
N ARG B 345 14.50 -30.12 -11.83
CA ARG B 345 14.76 -28.68 -11.67
C ARG B 345 13.49 -27.88 -11.81
N GLU B 346 12.64 -28.25 -12.78
CA GLU B 346 11.40 -27.53 -13.00
C GLU B 346 10.47 -27.69 -11.80
N ASP B 347 10.46 -28.87 -11.18
CA ASP B 347 9.63 -29.11 -10.00
C ASP B 347 10.09 -28.25 -8.83
N ILE B 348 11.36 -28.35 -8.45
CA ILE B 348 11.81 -27.64 -7.26
C ILE B 348 11.73 -26.14 -7.47
N ASP B 349 12.04 -25.67 -8.69
CA ASP B 349 11.87 -24.25 -9.01
C ASP B 349 10.40 -23.83 -8.85
N SER B 350 9.47 -24.62 -9.37
CA SER B 350 8.05 -24.27 -9.30
C SER B 350 7.56 -24.21 -7.86
N ALA B 351 7.83 -25.27 -7.10
CA ALA B 351 7.33 -25.37 -5.73
C ALA B 351 7.88 -24.26 -4.84
N LEU B 352 9.20 -24.00 -4.93
CA LEU B 352 9.83 -22.99 -4.07
C LEU B 352 9.25 -21.61 -4.33
N ALA B 353 8.98 -21.30 -5.60
CA ALA B 353 8.34 -20.04 -5.95
C ALA B 353 6.90 -20.00 -5.48
N GLN B 354 6.19 -21.13 -5.60
CA GLN B 354 4.79 -21.15 -5.16
C GLN B 354 4.68 -20.97 -3.66
N LEU B 355 5.57 -21.61 -2.90
CA LEU B 355 5.67 -21.40 -1.46
C LEU B 355 6.25 -20.03 -1.11
N ARG B 356 6.70 -19.25 -2.11
CA ARG B 356 7.32 -17.95 -1.89
C ARG B 356 8.58 -18.07 -1.03
N TRP B 357 9.37 -19.11 -1.26
CA TRP B 357 10.63 -19.27 -0.54
C TRP B 357 11.84 -18.76 -1.33
N ILE B 358 11.65 -18.40 -2.59
CA ILE B 358 12.74 -17.98 -3.46
C ILE B 358 12.25 -16.78 -4.28
N GLU B 359 13.11 -15.77 -4.43
CA GLU B 359 12.75 -14.64 -5.27
C GLU B 359 12.82 -15.04 -6.74
N ASP B 360 12.16 -14.24 -7.57
CA ASP B 360 12.29 -14.47 -9.02
C ASP B 360 13.75 -14.46 -9.43
N ASP B 361 14.55 -13.63 -8.77
CA ASP B 361 15.99 -13.57 -9.01
C ASP B 361 16.72 -14.81 -8.50
N GLY B 362 16.10 -15.56 -7.59
CA GLY B 362 16.73 -16.73 -7.02
C GLY B 362 17.29 -16.58 -5.62
N LEU B 363 17.20 -15.42 -5.00
CA LEU B 363 17.69 -15.42 -3.64
C LEU B 363 16.62 -15.98 -2.69
N PRO B 364 17.03 -16.66 -1.61
CA PRO B 364 16.03 -17.05 -0.62
C PRO B 364 15.32 -15.83 -0.02
N THR B 365 14.01 -15.96 0.19
CA THR B 365 13.21 -14.98 0.91
C THR B 365 13.40 -15.16 2.40
N ASP B 366 12.84 -14.22 3.17
CA ASP B 366 12.82 -14.38 4.62
C ASP B 366 12.19 -15.70 5.02
N GLN B 367 11.11 -16.11 4.33
CA GLN B 367 10.45 -17.36 4.68
C GLN B 367 11.31 -18.54 4.29
N GLY B 368 11.93 -18.47 3.12
CA GLY B 368 12.87 -19.52 2.76
C GLY B 368 14.02 -19.62 3.74
N TYR B 369 14.56 -18.48 4.18
CA TYR B 369 15.62 -18.52 5.19
C TYR B 369 15.09 -19.07 6.50
N ARG B 370 13.88 -18.70 6.87
CA ARG B 370 13.32 -19.16 8.12
C ARG B 370 13.16 -20.67 8.14
N PHE B 371 12.64 -21.24 7.05
CA PHE B 371 12.49 -22.70 6.99
C PHE B 371 13.86 -23.36 7.09
N MET B 372 14.84 -22.83 6.38
CA MET B 372 16.20 -23.34 6.47
C MET B 372 16.72 -23.23 7.90
N THR B 373 16.44 -22.11 8.57
CA THR B 373 16.92 -21.96 9.94
C THR B 373 16.29 -22.99 10.86
N ILE B 374 14.97 -23.20 10.72
CA ILE B 374 14.31 -24.18 11.57
C ILE B 374 14.91 -25.56 11.37
N CYS B 375 15.16 -25.93 10.10
CA CYS B 375 15.77 -27.21 9.81
C CYS B 375 17.16 -27.30 10.42
N GLU B 376 17.93 -26.21 10.36
CA GLU B 376 19.28 -26.24 10.93
C GLU B 376 19.24 -26.33 12.45
N ARG B 377 18.26 -25.67 13.09
CA ARG B 377 18.25 -25.59 14.55
C ARG B 377 17.62 -26.82 15.20
N TYR B 378 16.56 -27.39 14.62
CA TYR B 378 15.78 -28.42 15.31
C TYR B 378 15.94 -29.83 14.74
N GLY B 379 17.06 -30.12 14.06
CA GLY B 379 17.35 -31.47 13.67
C GLY B 379 16.99 -31.85 12.26
N GLY B 380 16.72 -30.89 11.38
CA GLY B 380 16.54 -31.19 9.98
C GLY B 380 15.11 -31.18 9.51
N ALA B 381 14.97 -31.41 8.21
CA ALA B 381 13.72 -31.20 7.49
C ALA B 381 12.60 -32.15 7.93
N ASN B 382 12.93 -33.23 8.64
CA ASN B 382 11.91 -34.14 9.16
C ASN B 382 11.55 -33.87 10.61
N SER B 383 12.02 -32.75 11.18
CA SER B 383 11.69 -32.41 12.54
C SER B 383 10.27 -31.90 12.64
N ARG B 384 9.72 -31.94 13.86
CA ARG B 384 8.39 -31.40 14.09
C ARG B 384 8.34 -29.92 13.76
N ALA B 385 9.37 -29.15 14.15
CA ALA B 385 9.37 -27.74 13.85
C ALA B 385 9.44 -27.50 12.35
N ALA B 386 10.16 -28.35 11.63
CA ALA B 386 10.21 -28.21 10.18
C ALA B 386 8.89 -28.63 9.53
N ILE B 387 8.31 -29.74 9.98
CA ILE B 387 7.03 -30.16 9.43
C ILE B 387 5.96 -29.12 9.72
N ASP B 388 5.97 -28.57 10.93
CA ASP B 388 4.98 -27.57 11.31
C ASP B 388 5.13 -26.27 10.51
N TYR B 389 6.35 -25.83 10.22
CA TYR B 389 6.47 -24.62 9.41
C TYR B 389 6.02 -24.86 7.96
N MET B 390 6.38 -26.01 7.39
CA MET B 390 5.89 -26.31 6.04
C MET B 390 4.36 -26.35 6.02
N GLY B 391 3.76 -27.04 7.01
CA GLY B 391 2.30 -27.11 7.08
C GLY B 391 1.66 -25.74 7.16
N ALA B 392 2.21 -24.86 8.02
CA ALA B 392 1.70 -23.49 8.12
C ALA B 392 1.81 -22.77 6.80
N THR B 393 2.86 -23.05 6.04
CA THR B 393 2.98 -22.48 4.71
C THR B 393 1.91 -23.00 3.76
N LEU B 394 1.66 -24.31 3.78
CA LEU B 394 0.61 -24.88 2.95
C LEU B 394 -0.77 -24.34 3.32
N ILE B 395 -1.01 -24.05 4.60
CA ILE B 395 -2.32 -23.53 5.01
C ILE B 395 -2.54 -22.11 4.51
N GLN B 396 -1.53 -21.25 4.62
CA GLN B 396 -1.64 -19.86 4.20
C GLN B 396 -1.22 -19.64 2.76
N THR B 397 0.06 -19.89 2.45
CA THR B 397 0.55 -19.64 1.11
C THR B 397 -0.02 -20.64 0.10
N GLY B 398 -0.18 -21.90 0.49
CA GLY B 398 -0.85 -22.84 -0.41
C GLY B 398 -2.37 -22.78 -0.44
N ARG B 399 -2.99 -21.93 0.40
CA ARG B 399 -4.43 -21.68 0.40
C ARG B 399 -5.25 -22.89 0.80
N TYR B 400 -4.70 -23.76 1.64
CA TYR B 400 -5.55 -24.85 2.08
C TYR B 400 -6.55 -24.41 3.14
N ALA B 401 -6.43 -23.17 3.66
CA ALA B 401 -7.43 -22.63 4.56
C ALA B 401 -8.76 -22.46 3.84
N SER B 402 -8.72 -22.04 2.59
CA SER B 402 -9.92 -21.95 1.80
C SER B 402 -10.58 -23.31 1.62
N PHE B 403 -9.76 -24.31 1.28
CA PHE B 403 -10.23 -25.64 1.05
C PHE B 403 -10.83 -26.23 2.33
N LEU B 404 -10.17 -26.03 3.46
CA LEU B 404 -10.69 -26.52 4.74
C LEU B 404 -11.99 -25.83 5.09
N HIS B 405 -12.12 -24.54 4.78
CA HIS B 405 -13.36 -23.86 5.12
C HIS B 405 -14.54 -24.45 4.33
N TYR B 406 -14.34 -24.73 3.03
CA TYR B 406 -15.39 -25.28 2.21
C TYR B 406 -15.79 -26.68 2.71
N ILE B 407 -14.80 -27.57 2.94
CA ILE B 407 -15.13 -28.91 3.43
C ILE B 407 -15.89 -28.82 4.75
N ASN B 408 -15.43 -27.94 5.64
CA ASN B 408 -16.06 -27.79 6.95
C ASN B 408 -17.52 -27.33 6.85
N ARG B 409 -17.77 -26.23 6.14
CA ARG B 409 -19.12 -25.67 6.12
C ARG B 409 -20.09 -26.57 5.37
N LEU B 410 -19.63 -27.19 4.29
CA LEU B 410 -20.46 -28.13 3.56
C LEU B 410 -20.79 -29.37 4.41
N SER B 411 -19.80 -29.89 5.13
CA SER B 411 -19.99 -31.06 5.98
C SER B 411 -20.91 -30.75 7.14
N GLU B 412 -20.65 -29.64 7.82
CA GLU B 412 -21.47 -29.24 8.95
C GLU B 412 -22.92 -29.08 8.52
N ARG B 413 -23.14 -28.51 7.34
CA ARG B 413 -24.49 -28.34 6.80
C ARG B 413 -25.17 -29.69 6.60
N LYS B 414 -24.44 -30.67 6.05
CA LYS B 414 -25.02 -31.99 5.85
C LYS B 414 -25.30 -32.67 7.18
N PHE B 415 -24.31 -32.70 8.07
CA PHE B 415 -24.46 -33.42 9.32
C PHE B 415 -25.29 -32.68 10.37
N ALA B 416 -25.37 -31.35 10.35
CA ALA B 416 -26.26 -30.69 11.30
C ALA B 416 -27.71 -31.00 10.97
N GLU B 417 -28.02 -31.12 9.68
CA GLU B 417 -29.34 -31.50 9.22
C GLU B 417 -29.67 -32.93 9.61
N ASN B 418 -28.74 -33.85 9.38
CA ASN B 418 -28.94 -35.27 9.66
C ASN B 418 -27.65 -35.90 10.14
N PRO B 419 -27.46 -36.07 11.45
CA PRO B 419 -26.16 -36.57 11.95
C PRO B 419 -25.84 -37.97 11.45
N LEU B 420 -26.82 -38.74 10.99
CA LEU B 420 -26.56 -40.08 10.46
C LEU B 420 -26.39 -40.10 8.96
N ALA B 421 -26.25 -38.94 8.32
CA ALA B 421 -26.13 -38.91 6.87
C ALA B 421 -25.03 -39.85 6.39
N TYR B 422 -25.32 -40.55 5.29
CA TYR B 422 -24.44 -41.49 4.58
C TYR B 422 -24.27 -42.85 5.30
N THR B 423 -24.76 -43.02 6.51
CA THR B 423 -24.47 -44.28 7.18
C THR B 423 -25.25 -45.41 6.55
N LYS B 424 -24.79 -46.62 6.83
CA LYS B 424 -25.45 -47.79 6.29
C LYS B 424 -25.81 -48.75 7.41
N PRO B 425 -26.88 -49.50 7.25
CA PRO B 425 -27.32 -50.41 8.31
C PRO B 425 -26.25 -51.44 8.63
N GLY B 426 -25.94 -51.58 9.90
CA GLY B 426 -24.94 -52.52 10.33
C GLY B 426 -25.65 -53.80 10.74
N PRO B 427 -24.98 -54.65 11.55
CA PRO B 427 -25.59 -55.95 11.85
C PRO B 427 -26.95 -55.83 12.52
N GLY B 428 -27.08 -54.98 13.55
CA GLY B 428 -28.34 -54.80 14.23
C GLY B 428 -29.27 -53.78 13.63
N GLY B 429 -28.95 -53.23 12.46
CA GLY B 429 -29.63 -52.05 11.99
C GLY B 429 -29.02 -50.74 12.45
N MET B 430 -28.06 -50.78 13.36
CA MET B 430 -27.45 -49.56 13.84
C MET B 430 -26.62 -48.91 12.74
N PRO B 431 -26.61 -47.57 12.66
CA PRO B 431 -25.87 -46.91 11.58
C PRO B 431 -24.38 -47.05 11.78
N VAL B 432 -23.67 -47.29 10.69
CA VAL B 432 -22.22 -47.18 10.70
C VAL B 432 -21.78 -46.44 9.47
N PHE B 433 -20.82 -45.55 9.64
CA PHE B 433 -20.26 -44.77 8.56
C PHE B 433 -19.16 -45.60 7.90
N THR B 434 -19.42 -46.11 6.72
CA THR B 434 -18.50 -47.05 6.10
C THR B 434 -17.61 -46.36 5.08
N GLU B 435 -16.80 -47.21 4.44
CA GLU B 435 -15.96 -46.75 3.34
C GLU B 435 -16.81 -46.33 2.15
N GLU B 436 -17.92 -47.02 1.92
CA GLU B 436 -18.87 -46.57 0.90
C GLU B 436 -19.51 -45.25 1.33
N SER B 437 -19.84 -45.11 2.61
CA SER B 437 -20.31 -43.83 3.14
C SER B 437 -19.29 -42.74 2.87
N TYR B 438 -18.02 -43.05 3.08
CA TYR B 438 -16.96 -42.08 2.87
C TYR B 438 -16.90 -41.64 1.41
N TRP B 439 -16.95 -42.61 0.49
CA TRP B 439 -16.82 -42.25 -0.93
C TRP B 439 -18.03 -41.48 -1.44
N GLU B 440 -19.24 -41.79 -0.95
CA GLU B 440 -20.41 -41.01 -1.33
C GLU B 440 -20.29 -39.57 -0.84
N TYR B 441 -19.86 -39.42 0.40
CA TYR B 441 -19.70 -38.09 0.96
C TYR B 441 -18.60 -37.31 0.25
N LEU B 442 -17.47 -37.95 -0.09
CA LEU B 442 -16.42 -37.24 -0.81
C LEU B 442 -16.88 -36.81 -2.19
N GLN B 443 -17.63 -37.66 -2.86
CA GLN B 443 -18.13 -37.27 -4.18
C GLN B 443 -19.13 -36.10 -4.10
N ASP B 444 -19.97 -36.06 -3.05
CA ASP B 444 -20.90 -34.93 -2.89
C ASP B 444 -20.15 -33.64 -2.63
N LEU B 445 -19.14 -33.68 -1.77
CA LEU B 445 -18.29 -32.52 -1.59
C LEU B 445 -17.69 -32.08 -2.91
N GLU B 446 -17.26 -33.03 -3.76
CA GLU B 446 -16.59 -32.64 -4.99
C GLU B 446 -17.54 -31.98 -5.97
N THR B 447 -18.72 -32.54 -6.18
CA THR B 447 -19.61 -31.88 -7.13
C THR B 447 -20.09 -30.55 -6.55
N LYS B 448 -20.21 -30.45 -5.23
CA LYS B 448 -20.54 -29.17 -4.64
C LYS B 448 -19.44 -28.14 -4.92
N LEU B 449 -18.17 -28.55 -4.80
CA LEU B 449 -17.05 -27.65 -5.07
C LEU B 449 -16.96 -27.28 -6.54
N THR B 450 -17.32 -28.20 -7.44
CA THR B 450 -17.21 -27.89 -8.85
C THR B 450 -18.44 -27.19 -9.39
N ASP B 451 -19.65 -27.53 -8.94
CA ASP B 451 -20.86 -27.01 -9.57
C ASP B 451 -21.45 -25.80 -8.86
N GLU B 452 -21.33 -25.73 -7.55
CA GLU B 452 -21.92 -24.67 -6.76
C GLU B 452 -20.93 -23.56 -6.43
N LEU B 453 -19.82 -23.91 -5.79
CA LEU B 453 -18.84 -22.93 -5.37
C LEU B 453 -17.96 -22.47 -6.53
N ARG B 454 -17.79 -23.30 -7.55
CA ARG B 454 -16.94 -22.98 -8.71
C ARG B 454 -15.50 -22.74 -8.29
N VAL B 455 -15.00 -23.56 -7.36
CA VAL B 455 -13.63 -23.40 -6.90
C VAL B 455 -12.72 -24.48 -7.44
N MET B 456 -13.22 -25.37 -8.30
CA MET B 456 -12.36 -26.34 -8.97
C MET B 456 -13.03 -26.78 -10.26
N ARG B 457 -12.20 -27.30 -11.18
CA ARG B 457 -12.61 -27.73 -12.50
C ARG B 457 -12.14 -29.14 -12.77
N LYS B 458 -12.74 -29.73 -13.81
CA LYS B 458 -12.35 -31.02 -14.36
C LYS B 458 -11.37 -30.80 -15.50
N VAL B 459 -10.36 -31.67 -15.58
CA VAL B 459 -9.37 -31.56 -16.66
C VAL B 459 -10.02 -31.80 -18.02
N VAL B 467 -14.19 -43.64 -8.80
CA VAL B 467 -12.79 -43.35 -8.52
C VAL B 467 -12.63 -42.98 -7.03
N ARG B 468 -11.75 -43.73 -6.35
CA ARG B 468 -11.43 -43.53 -4.94
C ARG B 468 -10.31 -42.51 -4.78
N THR B 469 -10.21 -41.61 -5.76
CA THR B 469 -9.13 -40.66 -5.87
C THR B 469 -9.52 -39.23 -5.52
N THR B 470 -10.82 -38.96 -5.35
CA THR B 470 -11.44 -37.62 -5.36
C THR B 470 -10.56 -36.50 -4.79
N PHE B 471 -10.04 -36.70 -3.59
CA PHE B 471 -9.25 -35.65 -2.93
C PHE B 471 -7.97 -36.24 -2.37
N GLN B 472 -7.44 -37.27 -3.03
CA GLN B 472 -6.33 -38.03 -2.45
C GLN B 472 -5.13 -37.16 -2.23
N VAL B 473 -4.79 -36.31 -3.20
CA VAL B 473 -3.61 -35.46 -3.03
C VAL B 473 -3.80 -34.51 -1.86
N GLU B 474 -4.98 -33.87 -1.77
CA GLU B 474 -5.22 -32.92 -0.69
C GLU B 474 -5.28 -33.61 0.66
N LEU B 475 -5.99 -34.73 0.75
CA LEU B 475 -6.15 -35.38 2.04
C LEU B 475 -4.84 -35.99 2.53
N THR B 476 -4.06 -36.60 1.62
CA THR B 476 -2.75 -37.12 1.99
C THR B 476 -1.84 -36.01 2.49
N LEU B 477 -1.79 -34.92 1.75
CA LEU B 477 -1.06 -33.74 2.21
C LEU B 477 -1.56 -33.29 3.59
N LEU B 478 -2.88 -33.12 3.75
CA LEU B 478 -3.41 -32.58 5.00
C LEU B 478 -3.16 -33.51 6.18
N ARG B 479 -3.38 -34.81 5.97
CA ARG B 479 -3.12 -35.81 6.99
C ARG B 479 -1.64 -35.85 7.37
N ASN B 480 -0.75 -35.79 6.36
CA ASN B 480 0.68 -35.87 6.66
C ASN B 480 1.09 -34.72 7.56
N TYR B 481 0.46 -33.55 7.41
CA TYR B 481 0.83 -32.40 8.19
C TYR B 481 -0.04 -32.22 9.42
N GLY B 482 -0.86 -33.22 9.74
CA GLY B 482 -1.61 -33.20 10.99
C GLY B 482 -2.89 -32.38 10.99
N PHE B 483 -3.32 -31.89 9.83
CA PHE B 483 -4.56 -31.13 9.77
C PHE B 483 -5.80 -32.02 9.69
N VAL B 484 -5.67 -33.25 9.19
CA VAL B 484 -6.79 -34.19 9.31
C VAL B 484 -6.27 -35.48 9.94
N SER B 485 -7.14 -36.15 10.69
CA SER B 485 -6.70 -37.23 11.55
C SER B 485 -6.36 -38.48 10.73
N SER B 486 -5.55 -39.36 11.33
CA SER B 486 -5.21 -40.62 10.65
C SER B 486 -6.44 -41.47 10.37
N THR B 487 -7.47 -41.36 11.21
CA THR B 487 -8.73 -41.95 10.85
C THR B 487 -9.28 -41.11 9.71
N ARG B 488 -9.67 -41.75 8.62
CA ARG B 488 -10.02 -40.92 7.47
C ARG B 488 -11.41 -40.32 7.60
N HIS B 489 -12.30 -40.97 8.35
CA HIS B 489 -13.67 -40.51 8.44
C HIS B 489 -14.31 -40.95 9.75
N ARG B 490 -15.32 -40.20 10.15
CA ARG B 490 -16.06 -40.54 11.35
C ARG B 490 -17.51 -40.15 11.11
N LEU B 491 -18.40 -40.95 11.69
CA LEU B 491 -19.84 -40.68 11.66
C LEU B 491 -20.16 -39.34 12.31
N GLY B 492 -21.06 -38.59 11.68
CA GLY B 492 -21.48 -37.29 12.16
C GLY B 492 -20.54 -36.14 11.84
N VAL B 493 -19.43 -36.40 11.18
CA VAL B 493 -18.38 -35.41 11.02
C VAL B 493 -17.90 -35.40 9.57
N GLY B 494 -17.68 -36.58 9.01
CA GLY B 494 -16.97 -36.68 7.72
C GLY B 494 -15.46 -36.70 7.91
N ILE B 495 -14.76 -35.86 7.17
CA ILE B 495 -13.31 -35.73 7.33
C ILE B 495 -13.05 -35.10 8.69
N PRO B 496 -12.38 -35.76 9.59
CA PRO B 496 -12.20 -35.19 10.92
C PRO B 496 -11.02 -34.24 10.88
N ILE B 497 -11.32 -32.97 10.91
CA ILE B 497 -10.33 -31.93 10.72
C ILE B 497 -9.81 -31.59 12.10
N ASP B 498 -8.50 -31.45 12.24
CA ASP B 498 -7.96 -31.03 13.53
C ASP B 498 -7.90 -29.52 13.49
N TRP B 499 -9.05 -28.91 13.79
CA TRP B 499 -9.18 -27.47 13.62
C TRP B 499 -8.21 -26.69 14.51
N GLU B 500 -7.91 -27.21 15.70
CA GLU B 500 -6.93 -26.54 16.55
C GLU B 500 -5.57 -26.50 15.88
N GLN B 501 -5.22 -27.59 15.17
CA GLN B 501 -3.95 -27.58 14.45
C GLN B 501 -3.97 -26.54 13.34
N VAL B 502 -5.09 -26.41 12.64
CA VAL B 502 -5.25 -25.41 11.60
C VAL B 502 -5.18 -24.01 12.20
N VAL B 503 -5.78 -23.83 13.38
CA VAL B 503 -5.76 -22.54 14.04
C VAL B 503 -4.33 -22.12 14.31
N GLN B 504 -3.52 -23.07 14.81
CA GLN B 504 -2.12 -22.78 15.09
C GLN B 504 -1.37 -22.39 13.82
N ALA B 505 -1.62 -23.10 12.71
CA ALA B 505 -0.95 -22.75 11.46
C ALA B 505 -1.34 -21.36 11.00
N LEU B 506 -2.60 -20.99 11.19
CA LEU B 506 -3.07 -19.67 10.75
C LEU B 506 -2.37 -18.54 11.49
N ASN B 507 -1.91 -18.79 12.72
CA ASN B 507 -1.32 -17.75 13.53
C ASN B 507 0.13 -17.39 13.17
N VAL B 508 0.88 -18.26 12.49
CA VAL B 508 2.33 -18.02 12.36
C VAL B 508 2.68 -16.88 11.42
N ASP B 509 3.99 -16.64 11.23
CA ASP B 509 4.56 -15.59 10.37
C ASP B 509 4.13 -14.18 10.81
N LEU B 510 3.84 -13.99 12.09
CA LEU B 510 3.33 -12.72 12.62
C LEU B 510 2.11 -12.21 11.83
C1 EDO C . -0.81 -16.12 -25.20
O1 EDO C . -2.05 -16.78 -25.53
C2 EDO C . -0.01 -16.92 -24.17
O2 EDO C . -0.84 -17.33 -23.07
C1 EDO D . -1.56 -17.51 -5.84
O1 EDO D . -2.92 -17.14 -6.11
C2 EDO D . -0.80 -16.29 -5.35
O2 EDO D . -0.76 -15.24 -6.33
#